data_6CST
#
_entry.id   6CST
#
_cell.length_a   67.579
_cell.length_b   124.630
_cell.length_c   165.040
_cell.angle_alpha   90.00
_cell.angle_beta   90.00
_cell.angle_gamma   90.00
#
_symmetry.space_group_name_H-M   'P 21 21 21'
#
loop_
_entity.id
_entity.type
_entity.pdbx_description
1 polymer 'DNA polymerase kappa'
2 polymer "DNA (5'-D(P*AP*TP*AP*CP*AP*TP*AP*CP*C)-3')"
3 polymer "DNA (5'-D(P*TP*AP*CP*TP*GP*GP*TP*AP*TP*GP*TP*AP*T)-3')"
4 non-polymer 'MAGNESIUM ION'
5 non-polymer DI(HYDROXYETHYL)ETHER
6 non-polymer 'IODIDE ION'
7 non-polymer 1,2-ETHANEDIOL
8 non-polymer "2'-deoxy-5'-O-[(R)-hydroxy{[(R)-hydroxy(phosphonooxy)phosphoryl]amino}phosphoryl]adenosine"
9 non-polymer 'TRIETHYLENE GLYCOL'
10 non-polymer 'CHLORIDE ION'
11 non-polymer 'POTASSIUM ION'
12 water water
#
loop_
_entity_poly.entity_id
_entity_poly.type
_entity_poly.pdbx_seq_one_letter_code
_entity_poly.pdbx_strand_id
1 'polypeptide(L)'
;MSYYHHHHHHDYDIPTTENLYFQGAMDSTKEKCDSYKDDLLLRMGLNDNKAGMEGLDKEKINKIIMEATKGSRFYGNELK
KEKQVNQRIENMMQQKAQITSQQLRKAQLQVDRFAMELEQSRNLSNTIVHIDMDAFYAAVEMRDNPELKDKPIAVGSMSM
LSTSNYHARRFGVRAAMPGFIAKRLCPQLIIVPPNFDKYRAVSKEVKEILADYDPNFMAMSLDEAYLNITKHLEERQNWP
EDKRRYFIKMGSSVENDNPGKEVNKLSEHERSISPLLFEESPSDVQPPGDPFQVNFEEQNNPQILQNSVVFGTSAQEVVK
EIRFRIEQKTTLTASAGIAPNTMLAKVCSDKNKPNGQYQILPNRQAVMDFIKDLPIRKVSGIGKVTEKMLKALGIITCTE
LYQQRALLSLLFSETSWHYFLHISLGLGSTHLTRDGERKSMSVERTFSEINKAEEQYSLCQELCSELAQDLQKERLKGRT
VTIKLKNVNFEVKTRASTVSSVVSTAEEIFAIAKELLKTEIDADFPHPLRLRLMGVRISSFPNEEDRKHQQ
;
A,B
2 'polydeoxyribonucleotide' (DA)(DT)(DA)(DC)(DA)(DT)(DA)(DC)(DC) C,P
3 'polydeoxyribonucleotide' (DT)(DA)(DC)(DT)(DG)(DG)(DT)(DA)(DT)(DG)(DT)(DA)(DT) D,T
#
loop_
_chem_comp.id
_chem_comp.type
_chem_comp.name
_chem_comp.formula
CL non-polymer 'CHLORIDE ION' 'Cl -1'
DA DNA linking 2'-DEOXYADENOSINE-5'-MONOPHOSPHATE 'C10 H14 N5 O6 P'
DC DNA linking 2'-DEOXYCYTIDINE-5'-MONOPHOSPHATE 'C9 H14 N3 O7 P'
DG DNA linking 2'-DEOXYGUANOSINE-5'-MONOPHOSPHATE 'C10 H14 N5 O7 P'
DT DNA linking THYMIDINE-5'-MONOPHOSPHATE 'C10 H15 N2 O8 P'
DZ4 non-polymer 2'-deoxy-5'-O-[(R)-hydroxy{[(R)-hydroxy(phosphonooxy)phosphoryl]amino}phosphoryl]adenosine 'C10 H17 N6 O11 P3'
EDO non-polymer 1,2-ETHANEDIOL 'C2 H6 O2'
IOD non-polymer 'IODIDE ION' 'I -1'
K non-polymer 'POTASSIUM ION' 'K 1'
MG non-polymer 'MAGNESIUM ION' 'Mg 2'
PEG non-polymer DI(HYDROXYETHYL)ETHER 'C4 H10 O3'
PGE non-polymer 'TRIETHYLENE GLYCOL' 'C6 H14 O4'
#
# COMPACT_ATOMS: atom_id res chain seq x y z
N LEU A 41 -19.17 -8.11 -24.80
CA LEU A 41 -18.02 -8.69 -24.02
C LEU A 41 -17.49 -7.74 -22.92
N LEU A 42 -17.51 -6.45 -23.22
CA LEU A 42 -17.39 -5.35 -22.24
C LEU A 42 -15.94 -5.04 -21.79
N ARG A 43 -15.58 -5.40 -20.56
CA ARG A 43 -14.23 -5.15 -20.01
C ARG A 43 -13.49 -6.48 -19.86
N MET A 44 -14.07 -7.34 -19.02
CA MET A 44 -13.66 -8.74 -18.80
C MET A 44 -13.21 -9.55 -20.02
N GLY A 45 -14.07 -9.70 -21.05
CA GLY A 45 -13.72 -10.46 -22.25
C GLY A 45 -12.38 -9.94 -22.75
N LEU A 46 -11.45 -10.84 -23.05
CA LEU A 46 -10.05 -10.47 -23.28
C LEU A 46 -9.91 -9.24 -24.20
N ASN A 47 -9.11 -8.29 -23.75
CA ASN A 47 -8.73 -7.14 -24.56
C ASN A 47 -7.32 -7.39 -25.05
N ASP A 48 -7.20 -7.78 -26.32
CA ASP A 48 -5.88 -8.00 -26.95
C ASP A 48 -5.28 -6.77 -27.64
N ASN A 49 -5.79 -5.57 -27.36
CA ASN A 49 -5.28 -4.35 -28.01
C ASN A 49 -4.07 -3.79 -27.27
N LYS A 50 -3.00 -4.57 -27.27
CA LYS A 50 -1.77 -4.35 -26.55
C LYS A 50 -0.62 -5.09 -27.21
N ALA A 51 0.59 -4.57 -27.09
CA ALA A 51 1.69 -5.26 -27.76
C ALA A 51 1.87 -6.66 -27.20
N GLY A 52 2.24 -7.60 -28.07
CA GLY A 52 2.61 -8.94 -27.64
C GLY A 52 1.46 -9.89 -27.44
N MET A 53 0.25 -9.50 -27.86
CA MET A 53 -0.98 -10.27 -27.61
C MET A 53 -1.69 -10.73 -28.89
N GLU A 54 -0.98 -10.74 -30.01
CA GLU A 54 -1.56 -11.23 -31.28
C GLU A 54 -1.68 -12.76 -31.36
N GLY A 55 -2.69 -13.22 -32.07
CA GLY A 55 -2.85 -14.63 -32.39
C GLY A 55 -3.39 -15.55 -31.30
N LEU A 56 -4.05 -14.96 -30.31
CA LEU A 56 -4.62 -15.73 -29.20
C LEU A 56 -6.05 -16.13 -29.54
N ASP A 57 -6.48 -17.24 -28.96
CA ASP A 57 -7.81 -17.78 -29.14
C ASP A 57 -8.75 -17.15 -28.11
N LYS A 58 -9.40 -16.07 -28.48
CA LYS A 58 -10.30 -15.37 -27.54
C LYS A 58 -11.55 -16.19 -27.10
N GLU A 59 -12.03 -17.09 -27.94
CA GLU A 59 -13.09 -18.02 -27.56
C GLU A 59 -12.66 -18.91 -26.36
N LYS A 60 -11.50 -19.54 -26.44
CA LYS A 60 -11.00 -20.38 -25.35
C LYS A 60 -10.68 -19.56 -24.09
N ILE A 61 -10.05 -18.41 -24.27
CA ILE A 61 -9.64 -17.57 -23.15
C ILE A 61 -10.88 -16.99 -22.45
N ASN A 62 -11.82 -16.46 -23.22
CA ASN A 62 -13.06 -15.92 -22.66
C ASN A 62 -13.93 -16.95 -21.93
N LYS A 63 -13.91 -18.21 -22.36
CA LYS A 63 -14.63 -19.27 -21.61
C LYS A 63 -14.03 -19.36 -20.18
N ILE A 64 -12.71 -19.35 -20.09
CA ILE A 64 -12.04 -19.39 -18.80
C ILE A 64 -12.37 -18.14 -17.98
N ILE A 65 -12.28 -16.96 -18.56
CA ILE A 65 -12.61 -15.73 -17.82
C ILE A 65 -14.06 -15.79 -17.27
N MET A 66 -14.98 -16.20 -18.13
CA MET A 66 -16.41 -16.30 -17.79
C MET A 66 -16.70 -17.31 -16.71
N GLU A 67 -16.06 -18.46 -16.77
CA GLU A 67 -16.19 -19.45 -15.71
C GLU A 67 -15.70 -18.85 -14.38
N ALA A 68 -14.60 -18.10 -14.40
CA ALA A 68 -14.07 -17.49 -13.17
C ALA A 68 -14.89 -16.29 -12.66
N THR A 69 -15.72 -15.72 -13.52
CA THR A 69 -16.48 -14.51 -13.18
C THR A 69 -17.97 -14.76 -12.95
N LYS A 70 -18.44 -15.99 -13.18
CA LYS A 70 -19.88 -16.31 -13.24
C LYS A 70 -20.63 -15.91 -11.96
N GLY A 71 -21.70 -15.14 -12.11
CA GLY A 71 -22.60 -14.83 -10.99
C GLY A 71 -22.14 -13.75 -10.02
N SER A 72 -20.98 -13.17 -10.28
CA SER A 72 -20.42 -12.19 -9.39
C SER A 72 -21.20 -10.91 -9.54
N ARG A 73 -21.13 -10.07 -8.53
CA ARG A 73 -21.71 -8.72 -8.63
C ARG A 73 -21.01 -7.89 -9.69
N PHE A 74 -19.71 -8.08 -9.86
CA PHE A 74 -18.97 -7.36 -10.91
C PHE A 74 -19.62 -7.62 -12.26
N TYR A 75 -19.87 -8.91 -12.53
CA TYR A 75 -20.50 -9.35 -13.78
C TYR A 75 -21.87 -8.72 -14.01
N GLY A 76 -22.71 -8.74 -12.98
CA GLY A 76 -24.01 -8.06 -12.96
C GLY A 76 -23.89 -6.62 -13.42
N ASN A 77 -22.92 -5.90 -12.87
CA ASN A 77 -22.69 -4.52 -13.26
C ASN A 77 -22.19 -4.39 -14.70
N GLU A 78 -21.31 -5.27 -15.13
CA GLU A 78 -20.84 -5.25 -16.51
C GLU A 78 -21.99 -5.42 -17.54
N LEU A 79 -22.94 -6.29 -17.24
CA LEU A 79 -24.13 -6.46 -18.09
C LEU A 79 -24.94 -5.18 -18.14
N LYS A 80 -25.19 -4.56 -16.98
CA LYS A 80 -25.83 -3.23 -16.98
C LYS A 80 -25.06 -2.26 -17.89
N LYS A 81 -23.75 -2.17 -17.76
CA LYS A 81 -23.03 -1.20 -18.62
C LYS A 81 -23.09 -1.52 -20.12
N GLU A 82 -23.10 -2.81 -20.44
CA GLU A 82 -23.15 -3.25 -21.81
C GLU A 82 -24.51 -2.86 -22.42
N LYS A 83 -25.58 -3.06 -21.65
CA LYS A 83 -26.91 -2.70 -22.09
C LYS A 83 -27.03 -1.18 -22.32
N GLN A 84 -26.37 -0.39 -21.47
CA GLN A 84 -26.31 1.06 -21.65
C GLN A 84 -25.66 1.43 -23.00
N VAL A 85 -24.51 0.80 -23.27
CA VAL A 85 -23.77 1.11 -24.49
C VAL A 85 -24.63 0.75 -25.72
N ASN A 86 -25.22 -0.44 -25.69
CA ASN A 86 -26.12 -0.90 -26.75
C ASN A 86 -27.33 0.00 -26.99
N GLN A 87 -27.88 0.59 -25.92
CA GLN A 87 -28.95 1.57 -26.04
C GLN A 87 -28.44 2.83 -26.74
N ARG A 88 -27.26 3.27 -26.39
CA ARG A 88 -26.63 4.42 -26.99
C ARG A 88 -26.38 4.19 -28.49
N ILE A 89 -25.95 2.97 -28.85
CA ILE A 89 -25.75 2.54 -30.22
C ILE A 89 -27.10 2.54 -30.96
N GLU A 90 -28.13 1.98 -30.32
CA GLU A 90 -29.48 1.99 -30.87
C GLU A 90 -30.00 3.42 -31.14
N ASN A 91 -29.78 4.35 -30.21
CA ASN A 91 -30.20 5.72 -30.40
C ASN A 91 -29.47 6.35 -31.57
N MET A 92 -28.18 6.05 -31.73
CA MET A 92 -27.43 6.56 -32.86
C MET A 92 -27.97 6.00 -34.20
N MET A 93 -28.29 4.71 -34.24
CA MET A 93 -28.79 4.07 -35.46
C MET A 93 -30.18 4.59 -35.88
N GLN A 94 -31.01 4.98 -34.90
CA GLN A 94 -32.32 5.57 -35.13
C GLN A 94 -32.18 6.97 -35.68
N GLN A 95 -31.21 7.71 -35.16
CA GLN A 95 -30.89 9.02 -35.69
C GLN A 95 -30.36 8.88 -37.13
N LYS A 96 -29.52 7.87 -37.35
CA LYS A 96 -28.95 7.63 -38.68
C LYS A 96 -30.02 7.38 -39.76
N ALA A 97 -31.04 6.58 -39.43
CA ALA A 97 -32.14 6.25 -40.36
C ALA A 97 -32.94 7.47 -40.80
N GLN A 98 -33.00 8.49 -39.95
CA GLN A 98 -33.63 9.77 -40.30
C GLN A 98 -32.81 10.62 -41.26
N ILE A 99 -31.52 10.36 -41.41
CA ILE A 99 -30.69 11.24 -42.25
C ILE A 99 -31.01 11.01 -43.74
N THR A 100 -31.18 12.11 -44.46
CA THR A 100 -31.54 12.11 -45.88
C THR A 100 -30.34 12.41 -46.77
N SER A 101 -30.47 12.04 -48.04
CA SER A 101 -29.48 12.36 -49.05
C SER A 101 -29.10 13.84 -49.09
N GLN A 102 -30.09 14.71 -48.95
CA GLN A 102 -29.86 16.16 -48.98
C GLN A 102 -28.95 16.54 -47.82
N GLN A 103 -29.36 16.18 -46.60
CA GLN A 103 -28.57 16.51 -45.39
C GLN A 103 -27.11 16.02 -45.50
N LEU A 104 -26.96 14.78 -45.95
CA LEU A 104 -25.64 14.16 -46.12
C LEU A 104 -24.79 14.92 -47.12
N ARG A 105 -25.39 15.34 -48.23
CA ARG A 105 -24.74 16.18 -49.23
C ARG A 105 -24.22 17.47 -48.64
N LYS A 106 -25.07 18.12 -47.88
CA LYS A 106 -24.69 19.40 -47.28
C LYS A 106 -23.54 19.19 -46.29
N ALA A 107 -23.66 18.18 -45.45
CA ALA A 107 -22.61 17.86 -44.46
C ALA A 107 -21.28 17.55 -45.12
N GLN A 108 -21.34 16.79 -46.21
CA GLN A 108 -20.20 16.45 -47.01
C GLN A 108 -19.44 17.70 -47.45
N LEU A 109 -20.16 18.71 -47.97
CA LEU A 109 -19.51 19.96 -48.37
C LEU A 109 -18.88 20.71 -47.22
N GLN A 110 -19.57 20.78 -46.09
CA GLN A 110 -19.09 21.53 -44.92
C GLN A 110 -17.85 20.84 -44.34
N VAL A 111 -17.91 19.52 -44.20
CA VAL A 111 -16.77 18.70 -43.73
C VAL A 111 -15.58 18.85 -44.69
N ASP A 112 -15.79 18.76 -46.01
CA ASP A 112 -14.66 18.87 -46.97
C ASP A 112 -14.04 20.27 -46.95
N ARG A 113 -14.81 21.29 -46.58
CA ARG A 113 -14.25 22.63 -46.43
C ARG A 113 -13.27 22.64 -45.27
N PHE A 114 -13.70 22.13 -44.13
CA PHE A 114 -12.84 22.00 -42.96
C PHE A 114 -11.60 21.13 -43.26
N ALA A 115 -11.79 20.00 -43.92
CA ALA A 115 -10.67 19.13 -44.32
C ALA A 115 -9.62 19.84 -45.18
N MET A 116 -10.09 20.74 -46.07
CA MET A 116 -9.19 21.51 -46.94
C MET A 116 -8.29 22.41 -46.11
N GLU A 117 -8.85 23.05 -45.08
CA GLU A 117 -8.08 23.91 -44.17
C GLU A 117 -7.07 23.08 -43.34
N LEU A 118 -7.49 21.89 -42.87
CA LEU A 118 -6.58 21.01 -42.11
C LEU A 118 -5.42 20.58 -43.00
N GLU A 119 -5.76 20.13 -44.19
CA GLU A 119 -4.79 19.70 -45.18
C GLU A 119 -3.77 20.78 -45.54
N GLN A 120 -4.24 22.02 -45.74
CA GLN A 120 -3.34 23.11 -46.16
C GLN A 120 -2.35 23.48 -45.06
N SER A 121 -2.76 23.31 -43.81
CA SER A 121 -1.86 23.55 -42.69
C SER A 121 -0.99 22.32 -42.28
N ARG A 122 -1.07 21.17 -42.97
CA ARG A 122 -0.31 19.97 -42.58
C ARG A 122 1.16 20.32 -42.38
N ASN A 123 1.66 20.05 -41.19
CA ASN A 123 3.04 20.31 -40.89
C ASN A 123 3.80 18.99 -40.81
N LEU A 124 4.77 18.84 -41.71
CA LEU A 124 5.59 17.63 -41.81
C LEU A 124 7.04 17.86 -41.39
N SER A 125 7.31 19.00 -40.78
CA SER A 125 8.68 19.43 -40.55
C SER A 125 9.25 19.09 -39.17
N ASN A 126 8.42 18.65 -38.25
CA ASN A 126 8.90 18.32 -36.87
C ASN A 126 9.13 16.80 -36.68
N THR A 127 10.09 16.44 -35.90
CA THR A 127 10.38 15.05 -35.67
C THR A 127 9.94 14.78 -34.24
N ILE A 128 8.79 14.13 -34.12
CA ILE A 128 8.24 13.75 -32.86
C ILE A 128 8.61 12.32 -32.58
N VAL A 129 9.09 12.10 -31.35
CA VAL A 129 9.49 10.78 -30.87
C VAL A 129 8.64 10.45 -29.68
N HIS A 130 8.04 9.27 -29.66
CA HIS A 130 7.39 8.76 -28.48
C HIS A 130 8.21 7.59 -27.96
N ILE A 131 8.61 7.65 -26.70
CA ILE A 131 9.44 6.62 -26.03
C ILE A 131 8.52 5.92 -25.03
N ASP A 132 8.58 4.60 -24.99
CA ASP A 132 7.68 3.83 -24.12
C ASP A 132 8.39 2.58 -23.61
N MET A 133 8.62 2.49 -22.31
CA MET A 133 9.31 1.36 -21.71
C MET A 133 8.54 0.02 -21.93
N ASP A 134 9.31 -1.04 -22.15
CA ASP A 134 8.74 -2.37 -22.37
C ASP A 134 8.38 -3.05 -21.06
N ALA A 135 7.12 -3.47 -20.97
CA ALA A 135 6.58 -4.19 -19.80
C ALA A 135 7.09 -3.57 -18.48
N PHE A 136 7.04 -2.24 -18.38
CA PHE A 136 7.85 -1.48 -17.44
C PHE A 136 7.99 -2.08 -16.03
N TYR A 137 6.91 -2.18 -15.27
CA TYR A 137 7.03 -2.68 -13.90
C TYR A 137 7.58 -4.11 -13.87
N ALA A 138 7.12 -4.96 -14.79
CA ALA A 138 7.58 -6.36 -14.84
C ALA A 138 9.02 -6.44 -15.20
N ALA A 139 9.45 -5.60 -16.14
CA ALA A 139 10.85 -5.56 -16.55
C ALA A 139 11.80 -5.16 -15.40
N VAL A 140 11.38 -4.21 -14.59
CA VAL A 140 12.15 -3.86 -13.40
C VAL A 140 12.22 -5.07 -12.45
N GLU A 141 11.10 -5.77 -12.26
CA GLU A 141 11.14 -6.92 -11.32
C GLU A 141 11.99 -8.05 -11.83
N MET A 142 11.99 -8.26 -13.13
CA MET A 142 12.81 -9.33 -13.71
C MET A 142 14.28 -8.95 -13.65
N ARG A 143 14.58 -7.67 -13.83
CA ARG A 143 15.94 -7.18 -13.79
C ARG A 143 16.57 -7.52 -12.43
N ASP A 144 15.79 -7.34 -11.37
CA ASP A 144 16.30 -7.45 -10.03
C ASP A 144 16.05 -8.80 -9.31
N ASN A 145 15.38 -9.73 -9.99
CA ASN A 145 15.31 -11.12 -9.57
C ASN A 145 15.43 -12.01 -10.82
N PRO A 146 16.67 -12.26 -11.30
CA PRO A 146 16.84 -12.83 -12.66
C PRO A 146 16.28 -14.26 -12.83
N GLU A 147 15.92 -14.87 -11.73
CA GLU A 147 15.26 -16.13 -11.71
C GLU A 147 13.90 -15.98 -12.39
N LEU A 148 13.41 -14.75 -12.48
CA LEU A 148 12.14 -14.47 -13.09
C LEU A 148 12.19 -14.27 -14.59
N LYS A 149 13.36 -14.05 -15.12
CA LYS A 149 13.54 -13.78 -16.53
C LYS A 149 12.90 -14.70 -17.55
N ASP A 150 12.95 -16.00 -17.33
CA ASP A 150 12.35 -16.98 -18.24
C ASP A 150 10.94 -17.39 -17.84
N LYS A 151 10.28 -16.63 -16.97
CA LYS A 151 8.96 -17.03 -16.51
C LYS A 151 7.88 -16.04 -16.95
N PRO A 152 6.63 -16.49 -17.05
CA PRO A 152 5.53 -15.55 -17.23
C PRO A 152 5.28 -14.87 -15.90
N ILE A 153 5.37 -13.54 -15.88
CA ILE A 153 5.11 -12.82 -14.63
C ILE A 153 4.14 -11.70 -14.86
N ALA A 154 3.57 -11.26 -13.74
CA ALA A 154 2.77 -10.06 -13.71
C ALA A 154 3.07 -9.29 -12.42
N VAL A 155 2.74 -8.02 -12.43
CA VAL A 155 2.89 -7.18 -11.23
C VAL A 155 1.54 -6.77 -10.77
N GLY A 156 1.30 -7.00 -9.47
CA GLY A 156 0.09 -6.55 -8.77
C GLY A 156 -0.26 -7.56 -7.70
N SER A 157 -1.51 -8.02 -7.70
CA SER A 157 -2.02 -8.91 -6.64
C SER A 157 -3.05 -9.83 -7.25
N MET A 158 -3.59 -10.71 -6.43
CA MET A 158 -4.69 -11.55 -6.86
C MET A 158 -5.95 -10.77 -7.20
N SER A 159 -6.08 -9.56 -6.68
CA SER A 159 -7.19 -8.69 -7.03
C SER A 159 -7.06 -7.99 -8.33
N MET A 160 -5.83 -7.60 -8.71
CA MET A 160 -5.62 -6.71 -9.86
C MET A 160 -4.15 -6.70 -10.34
N LEU A 161 -3.95 -6.76 -11.65
CA LEU A 161 -2.62 -6.64 -12.23
C LEU A 161 -2.49 -5.28 -12.90
N SER A 162 -1.33 -4.68 -12.73
CA SER A 162 -0.98 -3.39 -13.36
C SER A 162 -0.21 -3.62 -14.66
N THR A 163 0.47 -4.77 -14.78
CA THR A 163 1.06 -5.19 -16.01
C THR A 163 1.50 -6.63 -16.06
N SER A 164 1.95 -7.07 -17.23
CA SER A 164 2.52 -8.38 -17.38
C SER A 164 3.65 -8.38 -18.34
N ASN A 165 4.56 -9.35 -18.16
CA ASN A 165 5.64 -9.48 -19.09
C ASN A 165 5.18 -10.19 -20.38
N TYR A 166 6.08 -10.20 -21.35
CA TYR A 166 5.72 -10.66 -22.68
C TYR A 166 5.48 -12.15 -22.72
N HIS A 167 6.18 -12.91 -21.89
CA HIS A 167 5.87 -14.34 -21.74
C HIS A 167 4.43 -14.54 -21.29
N ALA A 168 4.00 -13.81 -20.27
CA ALA A 168 2.64 -13.95 -19.74
C ALA A 168 1.57 -13.49 -20.70
N ARG A 169 1.90 -12.51 -21.55
CA ARG A 169 0.94 -12.02 -22.55
C ARG A 169 0.53 -13.07 -23.58
N ARG A 170 1.38 -14.06 -23.80
CA ARG A 170 1.06 -15.18 -24.64
C ARG A 170 0.01 -16.11 -24.09
N PHE A 171 -0.40 -15.93 -22.82
CA PHE A 171 -1.55 -16.68 -22.21
C PHE A 171 -2.79 -15.79 -22.06
N GLY A 172 -2.71 -14.58 -22.58
CA GLY A 172 -3.77 -13.64 -22.41
C GLY A 172 -3.68 -12.81 -21.16
N VAL A 173 -2.59 -12.92 -20.39
CA VAL A 173 -2.53 -12.14 -19.12
C VAL A 173 -2.01 -10.73 -19.33
N ARG A 174 -2.70 -9.78 -18.69
CA ARG A 174 -2.41 -8.38 -18.98
C ARG A 174 -2.89 -7.44 -17.90
N ALA A 175 -2.46 -6.19 -18.03
CA ALA A 175 -2.91 -5.11 -17.14
C ALA A 175 -4.44 -5.04 -17.11
N ALA A 176 -4.95 -4.70 -15.92
CA ALA A 176 -6.37 -4.53 -15.65
C ALA A 176 -7.14 -5.84 -15.47
N MET A 177 -6.46 -6.98 -15.50
CA MET A 177 -7.06 -8.27 -15.24
C MET A 177 -6.78 -8.60 -13.78
N PRO A 178 -7.78 -9.13 -13.05
CA PRO A 178 -7.51 -9.58 -11.72
C PRO A 178 -6.53 -10.76 -11.74
N GLY A 179 -5.60 -10.73 -10.79
CA GLY A 179 -4.65 -11.81 -10.64
C GLY A 179 -5.30 -13.19 -10.53
N PHE A 180 -6.44 -13.32 -9.83
CA PHE A 180 -7.03 -14.65 -9.68
C PHE A 180 -7.51 -15.23 -11.03
N ILE A 181 -7.97 -14.35 -11.91
CA ILE A 181 -8.31 -14.75 -13.29
C ILE A 181 -7.06 -15.09 -14.09
N ALA A 182 -6.01 -14.27 -13.97
CA ALA A 182 -4.77 -14.50 -14.67
C ALA A 182 -4.15 -15.87 -14.36
N LYS A 183 -4.29 -16.29 -13.11
CA LYS A 183 -3.80 -17.59 -12.70
C LYS A 183 -4.61 -18.73 -13.33
N ARG A 184 -5.84 -18.47 -13.72
CA ARG A 184 -6.63 -19.48 -14.38
C ARG A 184 -6.15 -19.62 -15.80
N LEU A 185 -5.74 -18.51 -16.38
CA LEU A 185 -5.19 -18.50 -17.71
C LEU A 185 -3.79 -19.09 -17.79
N CYS A 186 -3.01 -18.92 -16.72
CA CYS A 186 -1.64 -19.29 -16.70
C CYS A 186 -1.30 -19.77 -15.29
N PRO A 187 -1.56 -21.01 -14.98
CA PRO A 187 -1.35 -21.50 -13.63
C PRO A 187 0.01 -21.25 -13.05
N GLN A 188 1.05 -21.29 -13.85
CA GLN A 188 2.41 -21.07 -13.40
C GLN A 188 2.81 -19.60 -13.28
N LEU A 189 1.89 -18.70 -13.46
CA LEU A 189 2.18 -17.28 -13.43
C LEU A 189 2.74 -16.79 -12.10
N ILE A 190 3.81 -16.04 -12.13
CA ILE A 190 4.38 -15.45 -10.93
C ILE A 190 3.83 -14.04 -10.80
N ILE A 191 3.11 -13.74 -9.74
CA ILE A 191 2.59 -12.39 -9.48
C ILE A 191 3.50 -11.76 -8.44
N VAL A 192 4.09 -10.66 -8.81
CA VAL A 192 5.04 -9.94 -8.00
C VAL A 192 4.41 -8.64 -7.48
N PRO A 193 4.54 -8.42 -6.12
CA PRO A 193 3.95 -7.16 -5.62
C PRO A 193 4.65 -5.92 -6.18
N PRO A 194 3.98 -4.77 -6.31
CA PRO A 194 4.65 -3.59 -6.90
C PRO A 194 5.65 -2.93 -5.95
N ASN A 195 6.67 -2.30 -6.53
CA ASN A 195 7.62 -1.44 -5.81
C ASN A 195 7.64 -0.01 -6.43
N PHE A 196 6.63 0.78 -6.12
CA PHE A 196 6.36 2.03 -6.84
C PHE A 196 7.54 2.99 -6.78
N ASP A 197 8.24 3.05 -5.65
CA ASP A 197 9.41 3.95 -5.50
C ASP A 197 10.57 3.58 -6.37
N LYS A 198 10.78 2.27 -6.55
CA LYS A 198 11.71 1.80 -7.59
C LYS A 198 11.38 2.26 -8.99
N TYR A 199 10.09 2.21 -9.35
CA TYR A 199 9.67 2.59 -10.69
C TYR A 199 9.83 4.09 -10.89
N ARG A 200 9.58 4.89 -9.84
CA ARG A 200 9.85 6.35 -9.91
C ARG A 200 11.31 6.60 -10.11
N ALA A 201 12.16 5.85 -9.39
CA ALA A 201 13.62 5.99 -9.52
C ALA A 201 14.12 5.66 -10.95
N VAL A 202 13.64 4.55 -11.53
CA VAL A 202 14.01 4.20 -12.89
C VAL A 202 13.54 5.28 -13.85
N SER A 203 12.35 5.77 -13.62
CA SER A 203 11.79 6.79 -14.46
C SER A 203 12.65 8.07 -14.44
N LYS A 204 13.18 8.43 -13.29
CA LYS A 204 14.08 9.61 -13.17
C LYS A 204 15.34 9.43 -14.00
N GLU A 205 15.92 8.23 -13.96
CA GLU A 205 17.05 7.89 -14.83
C GLU A 205 16.76 7.99 -16.32
N VAL A 206 15.59 7.53 -16.73
CA VAL A 206 15.17 7.63 -18.14
C VAL A 206 15.00 9.10 -18.57
N LYS A 207 14.25 9.84 -17.79
CA LYS A 207 14.00 11.26 -18.06
C LYS A 207 15.29 12.08 -18.13
N GLU A 208 16.30 11.78 -17.32
CA GLU A 208 17.58 12.46 -17.45
C GLU A 208 18.27 12.26 -18.80
N ILE A 209 18.12 11.08 -19.38
CA ILE A 209 18.60 10.87 -20.76
C ILE A 209 17.70 11.67 -21.71
N LEU A 210 16.40 11.59 -21.53
CA LEU A 210 15.51 12.23 -22.49
C LEU A 210 15.72 13.76 -22.59
N ALA A 211 16.09 14.38 -21.48
CA ALA A 211 16.33 15.84 -21.41
C ALA A 211 17.44 16.31 -22.32
N ASP A 212 18.44 15.46 -22.58
CA ASP A 212 19.49 15.78 -23.52
C ASP A 212 19.03 16.08 -24.92
N TYR A 213 17.90 15.48 -25.36
CA TYR A 213 17.42 15.55 -26.75
C TYR A 213 16.25 16.51 -26.93
N ASP A 214 15.38 16.62 -25.91
CA ASP A 214 14.39 17.67 -25.88
C ASP A 214 14.23 18.12 -24.42
N PRO A 215 14.83 19.29 -24.07
CA PRO A 215 14.66 19.73 -22.68
C PRO A 215 13.21 20.04 -22.30
N ASN A 216 12.35 20.33 -23.27
CA ASN A 216 10.89 20.46 -23.03
C ASN A 216 10.05 19.18 -23.28
N PHE A 217 10.65 17.99 -23.19
CA PHE A 217 9.91 16.73 -23.42
C PHE A 217 8.73 16.66 -22.47
N MET A 218 7.69 15.95 -22.90
CA MET A 218 6.43 15.86 -22.18
C MET A 218 6.29 14.42 -21.67
N ALA A 219 6.47 14.26 -20.37
CA ALA A 219 6.37 12.97 -19.73
C ALA A 219 4.91 12.72 -19.41
N MET A 220 4.42 11.56 -19.82
CA MET A 220 3.01 11.27 -19.73
C MET A 220 2.71 10.46 -18.49
N SER A 221 3.50 9.43 -18.25
CA SER A 221 3.43 8.66 -17.03
C SER A 221 4.89 8.42 -16.63
N LEU A 222 5.13 7.50 -15.72
CA LEU A 222 6.51 7.10 -15.41
C LEU A 222 7.23 6.49 -16.62
N ASP A 223 6.50 5.77 -17.47
CA ASP A 223 7.18 4.92 -18.45
C ASP A 223 7.23 5.49 -19.90
N GLU A 224 6.61 6.61 -20.17
CA GLU A 224 6.59 7.14 -21.54
C GLU A 224 6.72 8.62 -21.63
N ALA A 225 7.09 9.07 -22.82
CA ALA A 225 7.28 10.50 -23.08
C ALA A 225 7.30 10.82 -24.55
N TYR A 226 6.87 12.05 -24.86
CA TYR A 226 7.01 12.64 -26.17
C TYR A 226 8.16 13.62 -26.16
N LEU A 227 8.95 13.59 -27.22
CA LEU A 227 10.06 14.50 -27.44
C LEU A 227 9.87 15.11 -28.83
N ASN A 228 10.21 16.39 -28.93
CA ASN A 228 10.36 17.01 -30.21
C ASN A 228 11.85 17.14 -30.45
N ILE A 229 12.41 16.30 -31.30
CA ILE A 229 13.86 16.29 -31.53
C ILE A 229 14.29 17.12 -32.76
N THR A 230 13.38 17.94 -33.28
CA THR A 230 13.62 18.85 -34.43
C THR A 230 14.90 19.69 -34.24
N LYS A 231 14.96 20.42 -33.14
CA LYS A 231 16.14 21.25 -32.86
C LYS A 231 17.40 20.43 -32.71
N HIS A 232 17.33 19.43 -31.86
CA HIS A 232 18.45 18.53 -31.68
C HIS A 232 18.96 18.00 -33.00
N LEU A 233 18.05 17.54 -33.89
CA LEU A 233 18.50 16.98 -35.18
C LEU A 233 19.28 18.01 -36.01
N GLU A 234 18.79 19.25 -35.96
CA GLU A 234 19.43 20.36 -36.66
C GLU A 234 20.86 20.60 -36.14
N GLU A 235 21.02 20.66 -34.82
CA GLU A 235 22.35 20.80 -34.23
C GLU A 235 23.22 19.57 -34.52
N ARG A 236 22.63 18.41 -34.28
CA ARG A 236 23.33 17.16 -34.48
C ARG A 236 24.04 16.98 -35.77
N GLN A 237 23.52 17.54 -36.87
CA GLN A 237 24.13 17.38 -38.19
C GLN A 237 25.60 17.85 -38.23
N ASN A 238 26.01 18.77 -37.36
CA ASN A 238 27.42 19.23 -37.24
C ASN A 238 28.17 18.76 -36.01
N TRP A 239 27.70 17.70 -35.36
CA TRP A 239 28.35 17.24 -34.16
C TRP A 239 29.43 16.26 -34.56
N PRO A 240 30.66 16.44 -34.02
CA PRO A 240 31.70 15.45 -34.30
C PRO A 240 31.42 14.14 -33.58
N GLU A 241 32.04 13.06 -34.07
CA GLU A 241 31.82 11.73 -33.49
C GLU A 241 31.93 11.68 -31.96
N ASP A 242 32.84 12.48 -31.38
CA ASP A 242 33.01 12.56 -29.92
C ASP A 242 31.72 12.90 -29.15
N LYS A 243 30.84 13.72 -29.71
CA LYS A 243 29.57 14.03 -29.07
C LYS A 243 28.46 12.98 -29.34
N ARG A 244 28.75 11.97 -30.14
CA ARG A 244 27.82 10.88 -30.50
C ARG A 244 28.42 9.52 -30.19
N ARG A 245 29.33 9.48 -29.20
CA ARG A 245 30.09 8.27 -28.88
C ARG A 245 29.80 7.85 -27.45
N TYR A 246 29.60 6.54 -27.26
CA TYR A 246 29.30 5.96 -25.95
C TYR A 246 30.12 4.67 -25.77
N PHE A 247 30.60 4.46 -24.55
CA PHE A 247 31.37 3.27 -24.16
C PHE A 247 30.38 2.28 -23.57
N ILE A 248 30.57 0.98 -23.81
CA ILE A 248 29.60 -0.05 -23.34
C ILE A 248 29.81 -0.47 -21.87
N LYS A 249 28.71 -0.70 -21.15
CA LYS A 249 28.68 -1.08 -19.74
C LYS A 249 27.79 -2.31 -19.55
N ASN A 307 36.55 0.02 -26.20
CA ASN A 307 35.30 -0.38 -26.85
C ASN A 307 34.19 0.67 -26.72
N SER A 308 34.01 1.48 -27.76
CA SER A 308 32.96 2.48 -27.72
C SER A 308 32.12 2.42 -28.99
N VAL A 309 30.94 3.00 -28.97
CA VAL A 309 30.09 2.98 -30.16
C VAL A 309 29.69 4.38 -30.59
N VAL A 310 29.53 4.57 -31.87
CA VAL A 310 29.14 5.87 -32.42
C VAL A 310 27.78 5.77 -33.10
N PHE A 311 26.92 6.77 -32.85
CA PHE A 311 25.60 6.84 -33.44
C PHE A 311 25.62 7.96 -34.48
N GLY A 312 24.95 7.73 -35.60
CA GLY A 312 24.88 8.69 -36.69
C GLY A 312 23.99 9.88 -36.39
N THR A 313 23.58 10.56 -37.45
CA THR A 313 22.99 11.88 -37.34
C THR A 313 21.47 11.91 -37.67
N SER A 314 20.95 10.84 -38.24
CA SER A 314 19.51 10.73 -38.60
C SER A 314 18.62 10.58 -37.37
N ALA A 315 17.34 10.80 -37.56
CA ALA A 315 16.37 10.56 -36.52
C ALA A 315 16.42 9.11 -36.01
N GLN A 316 16.50 8.13 -36.91
CA GLN A 316 16.52 6.74 -36.46
C GLN A 316 17.76 6.51 -35.59
N GLU A 317 18.89 7.14 -35.94
CA GLU A 317 20.13 7.00 -35.17
C GLU A 317 20.04 7.68 -33.82
N VAL A 318 19.43 8.86 -33.79
CA VAL A 318 19.18 9.52 -32.51
C VAL A 318 18.40 8.61 -31.57
N VAL A 319 17.35 7.97 -32.06
CA VAL A 319 16.50 7.14 -31.22
C VAL A 319 17.21 5.83 -30.82
N LYS A 320 18.05 5.30 -31.70
CA LYS A 320 18.92 4.18 -31.34
C LYS A 320 19.87 4.58 -30.22
N GLU A 321 20.40 5.79 -30.30
CA GLU A 321 21.23 6.31 -29.22
C GLU A 321 20.44 6.44 -27.92
N ILE A 322 19.23 7.02 -27.98
CA ILE A 322 18.39 7.11 -26.80
C ILE A 322 18.17 5.74 -26.15
N ARG A 323 17.76 4.77 -26.95
CA ARG A 323 17.50 3.43 -26.44
C ARG A 323 18.67 2.70 -25.87
N PHE A 324 19.83 2.89 -26.51
CA PHE A 324 21.10 2.35 -26.07
C PHE A 324 21.46 2.92 -24.70
N ARG A 325 21.37 4.23 -24.54
CA ARG A 325 21.66 4.90 -23.26
C ARG A 325 20.73 4.44 -22.15
N ILE A 326 19.43 4.30 -22.45
CA ILE A 326 18.48 3.76 -21.50
C ILE A 326 18.88 2.36 -21.06
N GLU A 327 19.16 1.49 -22.01
CA GLU A 327 19.51 0.12 -21.70
C GLU A 327 20.81 0.03 -20.89
N GLN A 328 21.82 0.83 -21.27
CA GLN A 328 23.06 0.88 -20.53
C GLN A 328 22.89 1.42 -19.12
N LYS A 329 22.11 2.48 -18.94
CA LYS A 329 21.92 3.04 -17.62
C LYS A 329 21.01 2.20 -16.71
N THR A 330 19.91 1.73 -17.24
CA THR A 330 18.93 1.05 -16.45
C THR A 330 18.82 -0.45 -16.57
N THR A 331 19.46 -1.03 -17.55
CA THR A 331 19.38 -2.44 -17.84
C THR A 331 17.98 -2.81 -18.39
N LEU A 332 17.19 -1.83 -18.80
CA LEU A 332 15.85 -2.05 -19.32
C LEU A 332 15.68 -1.52 -20.75
N THR A 333 14.80 -2.12 -21.53
CA THR A 333 14.61 -1.68 -22.90
C THR A 333 13.39 -0.79 -23.04
N ALA A 334 13.44 0.05 -24.07
CA ALA A 334 12.30 0.85 -24.49
C ALA A 334 12.07 0.64 -25.95
N SER A 335 10.83 0.87 -26.36
CA SER A 335 10.49 1.00 -27.75
C SER A 335 10.18 2.46 -28.09
N ALA A 336 10.18 2.79 -29.37
CA ALA A 336 10.02 4.17 -29.80
C ALA A 336 9.35 4.29 -31.15
N GLY A 337 8.56 5.35 -31.33
CA GLY A 337 7.95 5.68 -32.60
C GLY A 337 8.49 7.06 -32.99
N ILE A 338 8.69 7.23 -34.29
CA ILE A 338 9.25 8.49 -34.84
C ILE A 338 8.30 8.88 -35.97
N ALA A 339 7.66 10.04 -35.84
CA ALA A 339 6.63 10.48 -36.77
C ALA A 339 6.52 12.01 -36.82
N PRO A 340 5.84 12.55 -37.84
CA PRO A 340 5.70 14.04 -37.87
C PRO A 340 4.76 14.65 -36.84
N ASN A 341 3.98 13.83 -36.11
CA ASN A 341 3.11 14.31 -35.03
C ASN A 341 2.93 13.29 -33.89
N THR A 342 2.33 13.73 -32.79
CA THR A 342 2.22 12.93 -31.58
C THR A 342 1.30 11.73 -31.76
N MET A 343 0.24 11.90 -32.53
CA MET A 343 -0.74 10.85 -32.76
C MET A 343 -0.04 9.68 -33.48
N LEU A 344 0.67 9.98 -34.55
CA LEU A 344 1.39 8.96 -35.31
C LEU A 344 2.56 8.34 -34.53
N ALA A 345 3.30 9.17 -33.78
CA ALA A 345 4.48 8.69 -33.04
C ALA A 345 4.05 7.65 -31.97
N LYS A 346 2.94 7.94 -31.29
CA LYS A 346 2.37 6.99 -30.35
C LYS A 346 1.98 5.65 -30.98
N VAL A 347 1.33 5.64 -32.14
CA VAL A 347 1.02 4.39 -32.83
C VAL A 347 2.31 3.62 -33.20
N CYS A 348 3.31 4.36 -33.67
CA CYS A 348 4.58 3.77 -34.05
C CYS A 348 5.37 3.13 -32.93
N SER A 349 5.32 3.67 -31.73
CA SER A 349 6.12 3.14 -30.65
C SER A 349 5.64 1.80 -30.17
N ASP A 350 4.39 1.48 -30.41
CA ASP A 350 3.86 0.18 -30.05
C ASP A 350 4.12 -0.84 -31.14
N LYS A 351 4.37 -0.37 -32.36
CA LYS A 351 4.40 -1.28 -33.50
C LYS A 351 5.44 -2.40 -33.46
N ASN A 352 6.68 -2.07 -33.10
CA ASN A 352 7.79 -3.05 -33.04
C ASN A 352 8.18 -3.42 -31.59
N LYS A 353 7.23 -3.29 -30.66
CA LYS A 353 7.41 -3.70 -29.27
C LYS A 353 7.54 -5.22 -29.12
N PRO A 354 8.35 -5.75 -28.20
CA PRO A 354 9.24 -5.00 -27.34
C PRO A 354 10.59 -4.76 -28.00
N ASN A 355 11.36 -3.83 -27.43
CA ASN A 355 12.71 -3.51 -27.87
C ASN A 355 12.83 -3.29 -29.38
N GLY A 356 11.95 -2.42 -29.90
CA GLY A 356 12.03 -1.99 -31.30
C GLY A 356 11.71 -0.53 -31.48
N GLN A 357 11.78 -0.10 -32.73
CA GLN A 357 11.38 1.23 -33.06
C GLN A 357 10.83 1.24 -34.48
N TYR A 358 10.09 2.31 -34.80
CA TYR A 358 9.53 2.45 -36.10
C TYR A 358 9.43 3.92 -36.47
N GLN A 359 9.81 4.23 -37.72
CA GLN A 359 9.67 5.58 -38.27
C GLN A 359 8.71 5.67 -39.46
N ILE A 360 7.80 6.63 -39.42
CA ILE A 360 7.06 7.03 -40.61
C ILE A 360 7.86 8.14 -41.28
N LEU A 361 8.35 7.89 -42.47
CA LEU A 361 9.11 8.96 -43.15
C LEU A 361 8.21 10.20 -43.32
N PRO A 362 8.78 11.41 -43.12
CA PRO A 362 7.96 12.61 -43.05
C PRO A 362 7.58 13.24 -44.41
N ASN A 363 6.90 12.45 -45.24
CA ASN A 363 6.32 12.91 -46.51
C ASN A 363 4.86 12.48 -46.48
N ARG A 364 4.01 13.20 -47.20
CA ARG A 364 2.58 13.01 -47.07
C ARG A 364 2.18 11.60 -47.50
N GLN A 365 2.82 11.11 -48.52
CA GLN A 365 2.46 9.81 -49.10
C GLN A 365 2.70 8.68 -48.09
N ALA A 366 3.84 8.74 -47.39
CA ALA A 366 4.16 7.80 -46.31
C ALA A 366 3.11 7.80 -45.20
N VAL A 367 2.67 9.00 -44.78
CA VAL A 367 1.66 9.15 -43.77
C VAL A 367 0.36 8.47 -44.19
N MET A 368 -0.12 8.80 -45.38
CA MET A 368 -1.36 8.24 -45.89
C MET A 368 -1.28 6.73 -46.11
N ASP A 369 -0.14 6.21 -46.61
CA ASP A 369 0.00 4.76 -46.74
C ASP A 369 0.04 4.09 -45.37
N PHE A 370 0.57 4.75 -44.35
CA PHE A 370 0.53 4.20 -42.99
C PHE A 370 -0.91 4.09 -42.45
N ILE A 371 -1.64 5.18 -42.60
CA ILE A 371 -2.98 5.34 -42.08
C ILE A 371 -4.03 4.45 -42.78
N LYS A 372 -3.82 4.24 -44.08
CA LYS A 372 -4.70 3.51 -45.02
C LYS A 372 -5.47 2.33 -44.42
N ASP A 373 -4.77 1.32 -43.97
CA ASP A 373 -5.53 0.22 -43.38
C ASP A 373 -5.34 0.13 -41.86
N LEU A 374 -4.94 1.24 -41.24
CA LEU A 374 -4.70 1.25 -39.80
C LEU A 374 -6.02 1.06 -39.05
N PRO A 375 -6.13 0.00 -38.22
CA PRO A 375 -7.34 -0.13 -37.40
C PRO A 375 -7.50 1.06 -36.44
N ILE A 376 -8.70 1.60 -36.33
CA ILE A 376 -8.88 2.81 -35.48
C ILE A 376 -8.61 2.53 -34.02
N ARG A 377 -8.77 1.28 -33.60
CA ARG A 377 -8.53 0.89 -32.18
C ARG A 377 -7.04 1.11 -31.78
N LYS A 378 -6.14 1.18 -32.74
CA LYS A 378 -4.72 1.49 -32.48
C LYS A 378 -4.44 2.96 -32.14
N VAL A 379 -5.39 3.85 -32.36
CA VAL A 379 -5.19 5.29 -32.07
C VAL A 379 -5.63 5.61 -30.64
N SER A 380 -4.79 6.40 -29.96
CA SER A 380 -5.01 6.87 -28.61
C SER A 380 -6.30 7.66 -28.51
N GLY A 381 -7.16 7.28 -27.58
CA GLY A 381 -8.44 7.95 -27.40
C GLY A 381 -9.59 7.18 -28.04
N ILE A 382 -9.30 6.19 -28.90
CA ILE A 382 -10.35 5.34 -29.43
C ILE A 382 -10.41 4.08 -28.56
N GLY A 383 -11.24 4.12 -27.51
CA GLY A 383 -11.38 3.00 -26.56
C GLY A 383 -12.46 2.02 -26.98
N LYS A 384 -12.76 1.05 -26.10
CA LYS A 384 -13.72 -0.03 -26.40
C LYS A 384 -15.08 0.48 -26.89
N VAL A 385 -15.61 1.49 -26.21
CA VAL A 385 -16.93 2.00 -26.52
C VAL A 385 -16.96 2.76 -27.82
N THR A 386 -16.01 3.68 -28.03
CA THR A 386 -15.93 4.40 -29.31
C THR A 386 -15.76 3.43 -30.47
N GLU A 387 -14.97 2.39 -30.24
CA GLU A 387 -14.73 1.36 -31.25
C GLU A 387 -16.03 0.66 -31.59
N LYS A 388 -16.82 0.37 -30.56
CA LYS A 388 -18.06 -0.35 -30.74
C LYS A 388 -19.07 0.50 -31.52
N MET A 389 -19.15 1.77 -31.15
CA MET A 389 -20.05 2.68 -31.83
C MET A 389 -19.67 2.84 -33.30
N LEU A 390 -18.39 3.04 -33.60
CA LEU A 390 -17.95 3.15 -34.96
C LEU A 390 -18.13 1.84 -35.75
N LYS A 391 -17.84 0.70 -35.14
CA LYS A 391 -18.08 -0.58 -35.77
C LYS A 391 -19.56 -0.71 -36.22
N ALA A 392 -20.52 -0.25 -35.39
CA ALA A 392 -21.95 -0.25 -35.79
C ALA A 392 -22.21 0.50 -37.10
N LEU A 393 -21.41 1.53 -37.36
CA LEU A 393 -21.42 2.24 -38.63
C LEU A 393 -20.58 1.58 -39.75
N GLY A 394 -20.01 0.41 -39.53
CA GLY A 394 -19.13 -0.23 -40.52
C GLY A 394 -17.71 0.31 -40.53
N ILE A 395 -17.33 1.08 -39.52
CA ILE A 395 -16.02 1.72 -39.48
C ILE A 395 -15.05 0.91 -38.60
N ILE A 396 -14.02 0.31 -39.22
CA ILE A 396 -12.93 -0.38 -38.53
C ILE A 396 -11.57 0.26 -38.76
N THR A 397 -11.32 0.78 -39.95
CA THR A 397 -10.04 1.37 -40.30
C THR A 397 -10.13 2.88 -40.48
N CYS A 398 -8.98 3.55 -40.49
CA CYS A 398 -8.94 4.99 -40.71
C CYS A 398 -9.45 5.43 -42.10
N THR A 399 -9.31 4.58 -43.12
CA THR A 399 -9.89 4.84 -44.44
C THR A 399 -11.40 4.96 -44.35
N GLU A 400 -12.02 3.99 -43.66
CA GLU A 400 -13.46 3.99 -43.46
C GLU A 400 -13.89 5.21 -42.65
N LEU A 401 -13.10 5.58 -41.66
CA LEU A 401 -13.40 6.76 -40.86
C LEU A 401 -13.49 8.01 -41.73
N TYR A 402 -12.56 8.15 -42.67
CA TYR A 402 -12.54 9.25 -43.60
C TYR A 402 -13.73 9.18 -44.55
N GLN A 403 -13.98 8.01 -45.13
CA GLN A 403 -15.09 7.81 -46.08
C GLN A 403 -16.45 8.19 -45.52
N GLN A 404 -16.67 7.95 -44.22
CA GLN A 404 -17.93 8.28 -43.56
C GLN A 404 -17.90 9.62 -42.84
N ARG A 405 -16.95 10.49 -43.15
CA ARG A 405 -16.84 11.74 -42.41
C ARG A 405 -18.11 12.60 -42.40
N ALA A 406 -18.86 12.62 -43.51
CA ALA A 406 -20.11 13.41 -43.56
C ALA A 406 -21.09 12.90 -42.51
N LEU A 407 -21.32 11.60 -42.52
CA LEU A 407 -22.21 10.95 -41.55
C LEU A 407 -21.78 11.20 -40.09
N LEU A 408 -20.47 11.16 -39.84
CA LEU A 408 -19.95 11.35 -38.49
C LEU A 408 -20.25 12.74 -37.99
N SER A 409 -20.24 13.71 -38.90
CA SER A 409 -20.54 15.12 -38.56
C SER A 409 -21.99 15.35 -38.13
N LEU A 410 -22.87 14.43 -38.51
CA LEU A 410 -24.26 14.46 -38.15
C LEU A 410 -24.59 13.55 -36.97
N LEU A 411 -23.74 12.57 -36.64
CA LEU A 411 -24.03 11.66 -35.54
C LEU A 411 -23.23 11.91 -34.26
N PHE A 412 -22.19 12.73 -34.32
CA PHE A 412 -21.30 12.95 -33.19
C PHE A 412 -21.16 14.44 -33.01
N SER A 413 -20.80 14.82 -31.79
CA SER A 413 -20.50 16.20 -31.47
C SER A 413 -19.37 16.72 -32.33
N GLU A 414 -19.25 18.04 -32.33
CA GLU A 414 -18.19 18.72 -33.03
C GLU A 414 -16.81 18.29 -32.54
N THR A 415 -16.63 18.13 -31.23
CA THR A 415 -15.30 17.76 -30.70
C THR A 415 -14.93 16.37 -31.15
N SER A 416 -15.90 15.46 -31.17
CA SER A 416 -15.68 14.13 -31.65
C SER A 416 -15.45 14.02 -33.15
N TRP A 417 -16.34 14.54 -34.01
CA TRP A 417 -16.06 14.42 -35.46
C TRP A 417 -14.82 15.21 -35.91
N HIS A 418 -14.50 16.32 -35.25
CA HIS A 418 -13.22 17.01 -35.53
C HIS A 418 -12.02 16.10 -35.23
N TYR A 419 -12.08 15.39 -34.10
CA TYR A 419 -11.03 14.46 -33.70
C TYR A 419 -10.92 13.33 -34.70
N PHE A 420 -12.06 12.73 -35.05
CA PHE A 420 -12.07 11.68 -36.08
C PHE A 420 -11.48 12.12 -37.40
N LEU A 421 -11.80 13.33 -37.84
CA LEU A 421 -11.27 13.84 -39.09
C LEU A 421 -9.73 14.03 -39.08
N HIS A 422 -9.19 14.59 -38.00
CA HIS A 422 -7.72 14.64 -37.80
C HIS A 422 -7.09 13.24 -37.91
N ILE A 423 -7.66 12.26 -37.20
CA ILE A 423 -7.16 10.87 -37.25
C ILE A 423 -7.15 10.43 -38.70
N SER A 424 -8.29 10.62 -39.36
CA SER A 424 -8.48 10.09 -40.70
C SER A 424 -7.58 10.76 -41.73
N LEU A 425 -7.08 11.96 -41.44
CA LEU A 425 -6.09 12.57 -42.28
C LEU A 425 -4.63 12.34 -41.82
N GLY A 426 -4.42 11.58 -40.74
CA GLY A 426 -3.07 11.36 -40.20
C GLY A 426 -2.44 12.60 -39.56
N LEU A 427 -3.26 13.46 -38.95
CA LEU A 427 -2.82 14.73 -38.30
C LEU A 427 -2.84 14.61 -36.81
N GLY A 428 -2.03 15.41 -36.15
CA GLY A 428 -2.03 15.51 -34.69
C GLY A 428 -1.06 16.61 -34.30
N SER A 429 -0.73 16.74 -33.02
CA SER A 429 0.14 17.83 -32.53
C SER A 429 1.56 17.69 -33.01
N THR A 430 2.10 18.81 -33.47
CA THR A 430 3.46 18.89 -33.98
C THR A 430 4.30 19.76 -33.07
N HIS A 431 3.77 20.17 -31.93
CA HIS A 431 4.57 20.77 -30.90
C HIS A 431 3.99 20.36 -29.56
N LEU A 432 4.85 20.31 -28.55
CA LEU A 432 4.52 19.82 -27.25
C LEU A 432 4.35 21.03 -26.35
N THR A 433 3.34 20.99 -25.50
CA THR A 433 3.07 22.07 -24.54
C THR A 433 3.62 21.70 -23.16
N ARG A 434 4.10 22.71 -22.44
CA ARG A 434 4.63 22.53 -21.07
C ARG A 434 3.50 22.08 -20.13
N ASP A 435 3.83 21.21 -19.17
CA ASP A 435 2.84 20.70 -18.20
C ASP A 435 2.12 21.87 -17.48
N GLY A 436 0.83 22.07 -17.79
CA GLY A 436 0.07 23.21 -17.27
C GLY A 436 -0.29 23.11 -15.79
N GLU A 437 -1.13 24.04 -15.32
CA GLU A 437 -1.69 23.96 -13.96
C GLU A 437 -2.66 22.77 -13.85
N ARG A 438 -2.41 21.86 -12.90
CA ARG A 438 -3.36 20.76 -12.58
C ARG A 438 -4.73 21.29 -12.21
N LYS A 439 -5.77 20.57 -12.59
CA LYS A 439 -7.16 21.03 -12.41
C LYS A 439 -7.82 20.31 -11.26
N SER A 440 -7.30 19.14 -10.87
CA SER A 440 -7.89 18.40 -9.77
C SER A 440 -6.86 17.62 -9.02
N MET A 441 -7.22 17.24 -7.80
CA MET A 441 -6.46 16.28 -7.04
C MET A 441 -7.46 15.40 -6.32
N SER A 442 -7.13 14.13 -6.16
CA SER A 442 -8.07 13.18 -5.59
C SER A 442 -7.39 11.99 -4.93
N VAL A 443 -8.17 11.32 -4.10
CA VAL A 443 -7.76 10.12 -3.45
C VAL A 443 -8.98 9.23 -3.35
N GLU A 444 -8.80 7.94 -3.65
CA GLU A 444 -9.88 6.99 -3.49
C GLU A 444 -9.29 5.68 -3.10
N ARG A 445 -10.13 4.82 -2.53
CA ARG A 445 -9.68 3.57 -2.01
C ARG A 445 -10.78 2.54 -2.02
N THR A 446 -10.42 1.31 -2.34
CA THR A 446 -11.35 0.16 -2.37
C THR A 446 -11.14 -0.67 -1.11
N PHE A 447 -12.21 -1.23 -0.55
CA PHE A 447 -12.10 -1.97 0.72
C PHE A 447 -13.13 -3.04 0.76
N SER A 448 -12.96 -3.97 1.68
CA SER A 448 -14.03 -4.93 1.99
C SER A 448 -15.22 -4.09 2.55
N GLU A 449 -16.41 -4.64 2.40
CA GLU A 449 -17.67 -3.91 2.58
C GLU A 449 -17.71 -3.08 3.84
N ILE A 450 -17.96 -1.79 3.67
CA ILE A 450 -18.26 -0.91 4.81
C ILE A 450 -19.75 -0.48 4.73
N ASN A 451 -20.51 -0.84 5.77
CA ASN A 451 -21.95 -0.49 5.85
C ASN A 451 -22.43 0.29 7.08
N LYS A 452 -21.57 0.47 8.08
CA LYS A 452 -21.90 1.25 9.26
C LYS A 452 -21.59 2.72 9.03
N ALA A 453 -22.58 3.57 9.29
CA ALA A 453 -22.47 5.00 8.98
C ALA A 453 -21.29 5.64 9.67
N GLU A 454 -21.08 5.33 10.95
CA GLU A 454 -19.94 5.92 11.64
C GLU A 454 -18.56 5.56 11.00
N GLU A 455 -18.42 4.34 10.50
CA GLU A 455 -17.16 3.92 9.84
C GLU A 455 -16.98 4.67 8.48
N GLN A 456 -18.09 4.89 7.76
CA GLN A 456 -18.09 5.65 6.49
C GLN A 456 -17.65 7.09 6.71
N TYR A 457 -18.18 7.70 7.77
CA TYR A 457 -17.71 9.05 8.15
C TYR A 457 -16.23 9.06 8.49
N SER A 458 -15.76 8.05 9.21
CA SER A 458 -14.35 7.96 9.55
C SER A 458 -13.50 7.80 8.30
N LEU A 459 -13.92 6.95 7.39
CA LEU A 459 -13.23 6.77 6.14
C LEU A 459 -13.17 8.07 5.34
N CYS A 460 -14.28 8.77 5.29
CA CYS A 460 -14.36 10.02 4.59
C CYS A 460 -13.38 11.02 5.17
N GLN A 461 -13.32 11.10 6.49
CA GLN A 461 -12.41 12.04 7.19
C GLN A 461 -10.94 11.72 6.88
N GLU A 462 -10.60 10.43 6.91
CA GLU A 462 -9.24 10.01 6.55
C GLU A 462 -8.84 10.41 5.13
N LEU A 463 -9.75 10.22 4.18
CA LEU A 463 -9.50 10.59 2.81
C LEU A 463 -9.33 12.10 2.68
N CYS A 464 -10.15 12.85 3.40
CA CYS A 464 -10.04 14.30 3.39
C CYS A 464 -8.70 14.77 3.92
N SER A 465 -8.19 14.10 4.96
CA SER A 465 -6.85 14.40 5.50
C SER A 465 -5.71 14.06 4.57
N GLU A 466 -5.72 12.86 3.97
CA GLU A 466 -4.70 12.53 2.95
C GLU A 466 -4.70 13.56 1.83
N LEU A 467 -5.89 13.94 1.37
CA LEU A 467 -6.00 14.88 0.28
C LEU A 467 -5.50 16.30 0.68
N ALA A 468 -5.79 16.71 1.93
CA ALA A 468 -5.24 17.97 2.44
C ALA A 468 -3.72 17.90 2.52
N GLN A 469 -3.15 16.78 2.96
CA GLN A 469 -1.69 16.63 2.93
C GLN A 469 -1.13 16.80 1.51
N ASP A 470 -1.77 16.15 0.51
CA ASP A 470 -1.35 16.27 -0.91
C ASP A 470 -1.45 17.68 -1.45
N LEU A 471 -2.52 18.41 -1.10
CA LEU A 471 -2.65 19.83 -1.49
C LEU A 471 -1.56 20.72 -0.87
N GLN A 472 -1.22 20.42 0.38
CA GLN A 472 -0.22 21.16 1.15
C GLN A 472 1.14 21.13 0.44
N LYS A 473 1.47 19.98 -0.11
CA LYS A 473 2.72 19.78 -0.85
C LYS A 473 2.90 20.76 -2.03
N GLU A 474 1.81 21.14 -2.69
CA GLU A 474 1.89 22.09 -3.83
C GLU A 474 1.20 23.42 -3.55
N ARG A 475 0.84 23.66 -2.28
CA ARG A 475 0.12 24.85 -1.81
C ARG A 475 -1.10 25.23 -2.65
N LEU A 476 -1.93 24.23 -2.94
CA LEU A 476 -3.14 24.46 -3.72
C LEU A 476 -4.37 24.50 -2.83
N LYS A 477 -5.38 25.26 -3.28
CA LYS A 477 -6.67 25.39 -2.64
C LYS A 477 -7.73 25.45 -3.73
N GLY A 478 -8.87 24.80 -3.48
CA GLY A 478 -9.89 24.58 -4.50
C GLY A 478 -11.26 24.97 -3.97
N ARG A 479 -12.21 25.17 -4.88
CA ARG A 479 -13.58 25.58 -4.51
C ARG A 479 -14.62 24.47 -4.62
N THR A 480 -14.27 23.33 -5.22
CA THR A 480 -15.25 22.26 -5.46
C THR A 480 -14.75 20.97 -4.83
N VAL A 481 -15.61 20.36 -4.01
CA VAL A 481 -15.32 19.09 -3.42
C VAL A 481 -16.34 18.09 -3.93
N THR A 482 -15.84 16.94 -4.35
CA THR A 482 -16.66 15.87 -4.88
C THR A 482 -16.32 14.59 -4.14
N ILE A 483 -17.34 13.88 -3.67
CA ILE A 483 -17.16 12.53 -3.14
C ILE A 483 -17.60 11.54 -4.21
N LYS A 484 -17.05 10.34 -4.14
CA LYS A 484 -17.32 9.26 -5.05
C LYS A 484 -17.62 8.08 -4.17
N LEU A 485 -18.70 7.39 -4.45
CA LEU A 485 -19.12 6.22 -3.68
C LEU A 485 -19.34 5.11 -4.65
N LYS A 486 -18.88 3.92 -4.32
CA LYS A 486 -19.14 2.80 -5.17
C LYS A 486 -19.74 1.75 -4.28
N ASN A 487 -20.93 1.29 -4.62
CA ASN A 487 -21.55 0.30 -3.79
C ASN A 487 -21.03 -1.08 -4.11
N VAL A 488 -21.45 -2.08 -3.32
CA VAL A 488 -20.98 -3.44 -3.53
C VAL A 488 -21.44 -4.07 -4.85
N ASN A 489 -22.44 -3.47 -5.50
CA ASN A 489 -22.83 -3.90 -6.85
C ASN A 489 -22.09 -3.13 -7.95
N PHE A 490 -21.04 -2.40 -7.55
CA PHE A 490 -20.12 -1.70 -8.46
C PHE A 490 -20.69 -0.46 -9.11
N GLU A 491 -21.81 0.03 -8.60
CA GLU A 491 -22.43 1.24 -9.13
C GLU A 491 -21.78 2.46 -8.53
N VAL A 492 -21.39 3.40 -9.38
CA VAL A 492 -20.63 4.54 -8.96
C VAL A 492 -21.56 5.74 -8.93
N LYS A 493 -21.48 6.53 -7.87
CA LYS A 493 -22.11 7.85 -7.80
C LYS A 493 -21.04 8.86 -7.46
N THR A 494 -21.17 10.06 -8.00
CA THR A 494 -20.38 11.20 -7.54
C THR A 494 -21.32 12.33 -7.16
N ARG A 495 -20.92 13.09 -6.14
CA ARG A 495 -21.73 14.12 -5.54
C ARG A 495 -20.81 15.25 -5.23
N ALA A 496 -21.03 16.40 -5.88
CA ALA A 496 -20.15 17.55 -5.80
C ALA A 496 -20.84 18.73 -5.09
N SER A 497 -20.03 19.60 -4.50
CA SER A 497 -20.50 20.85 -3.97
C SER A 497 -19.43 21.91 -4.23
N THR A 498 -19.87 23.07 -4.71
CA THR A 498 -18.99 24.21 -4.93
C THR A 498 -19.27 25.28 -3.87
N VAL A 499 -18.20 25.89 -3.39
CA VAL A 499 -18.22 26.86 -2.31
C VAL A 499 -17.64 28.19 -2.84
N SER A 500 -18.01 29.30 -2.19
CA SER A 500 -17.60 30.64 -2.61
C SER A 500 -16.10 30.87 -2.45
N SER A 501 -15.58 30.58 -1.27
CA SER A 501 -14.14 30.77 -0.98
C SER A 501 -13.39 29.42 -1.07
N VAL A 502 -12.17 29.46 -1.61
CA VAL A 502 -11.30 28.27 -1.72
C VAL A 502 -11.08 27.57 -0.37
N VAL A 503 -10.87 26.25 -0.40
CA VAL A 503 -10.59 25.46 0.80
C VAL A 503 -9.34 24.59 0.62
N SER A 504 -8.72 24.22 1.75
CA SER A 504 -7.50 23.41 1.73
C SER A 504 -7.28 22.43 2.88
N THR A 505 -7.83 22.69 4.06
CA THR A 505 -7.44 21.92 5.24
C THR A 505 -8.31 20.68 5.36
N ALA A 506 -7.83 19.68 6.09
CA ALA A 506 -8.61 18.47 6.35
C ALA A 506 -10.00 18.81 6.88
N GLU A 507 -10.04 19.80 7.75
CA GLU A 507 -11.25 20.27 8.41
C GLU A 507 -12.25 20.85 7.39
N GLU A 508 -11.78 21.76 6.56
CA GLU A 508 -12.63 22.42 5.57
C GLU A 508 -13.14 21.44 4.52
N ILE A 509 -12.24 20.64 3.98
CA ILE A 509 -12.63 19.63 2.99
C ILE A 509 -13.66 18.70 3.59
N PHE A 510 -13.38 18.16 4.76
CA PHE A 510 -14.32 17.23 5.42
C PHE A 510 -15.69 17.85 5.82
N ALA A 511 -15.71 19.15 6.11
CA ALA A 511 -16.99 19.81 6.46
C ALA A 511 -17.97 19.79 5.25
N ILE A 512 -17.42 19.89 4.05
CA ILE A 512 -18.19 19.76 2.81
C ILE A 512 -18.50 18.29 2.51
N ALA A 513 -17.46 17.45 2.45
CA ALA A 513 -17.65 16.03 2.08
C ALA A 513 -18.60 15.27 2.98
N LYS A 514 -18.52 15.56 4.28
CA LYS A 514 -19.37 14.95 5.31
C LYS A 514 -20.85 15.22 5.03
N GLU A 515 -21.17 16.44 4.60
CA GLU A 515 -22.56 16.81 4.24
C GLU A 515 -23.03 16.07 3.00
N LEU A 516 -22.17 16.01 1.98
CA LEU A 516 -22.49 15.25 0.76
C LEU A 516 -22.76 13.80 1.10
N LEU A 517 -21.97 13.25 2.02
CA LEU A 517 -22.10 11.85 2.38
C LEU A 517 -23.38 11.63 3.17
N LYS A 518 -23.61 12.54 4.12
CA LYS A 518 -24.84 12.52 4.92
C LYS A 518 -26.10 12.47 4.05
N THR A 519 -26.14 13.32 3.04
CA THR A 519 -27.28 13.34 2.11
C THR A 519 -27.51 11.95 1.49
N GLU A 520 -26.45 11.27 1.06
CA GLU A 520 -26.60 9.90 0.55
C GLU A 520 -27.02 8.89 1.58
N ILE A 521 -26.49 8.99 2.79
CA ILE A 521 -26.88 8.05 3.85
C ILE A 521 -28.38 8.25 4.17
N ASP A 522 -28.80 9.51 4.23
CA ASP A 522 -30.21 9.84 4.49
C ASP A 522 -31.17 9.41 3.38
N ALA A 523 -30.76 9.53 2.13
CA ALA A 523 -31.61 9.14 1.00
C ALA A 523 -32.04 7.68 1.00
N ASP A 524 -31.17 6.78 1.45
CA ASP A 524 -31.50 5.34 1.49
C ASP A 524 -32.07 4.88 2.83
N PHE A 525 -32.07 5.77 3.83
CA PHE A 525 -32.48 5.41 5.20
C PHE A 525 -33.89 4.79 5.19
N PRO A 526 -34.17 3.72 5.95
CA PRO A 526 -33.28 3.08 6.92
C PRO A 526 -32.31 2.02 6.36
N HIS A 527 -32.11 1.96 5.04
CA HIS A 527 -31.13 1.02 4.46
C HIS A 527 -29.72 1.61 4.55
N PRO A 528 -28.77 0.90 5.16
CA PRO A 528 -27.39 1.43 5.11
C PRO A 528 -26.84 1.47 3.67
N LEU A 529 -25.99 2.45 3.39
CA LEU A 529 -25.14 2.38 2.19
C LEU A 529 -24.18 1.21 2.37
N ARG A 530 -24.04 0.38 1.34
CA ARG A 530 -23.10 -0.75 1.36
C ARG A 530 -21.98 -0.46 0.36
N LEU A 531 -20.85 -0.01 0.87
CA LEU A 531 -19.79 0.53 0.04
C LEU A 531 -18.61 -0.40 -0.08
N ARG A 532 -18.05 -0.47 -1.30
CA ARG A 532 -16.74 -1.07 -1.55
C ARG A 532 -15.66 -0.03 -1.88
N LEU A 533 -16.05 1.20 -2.18
CA LEU A 533 -15.07 2.26 -2.45
C LEU A 533 -15.60 3.60 -2.04
N MET A 534 -14.71 4.46 -1.54
CA MET A 534 -14.99 5.89 -1.39
C MET A 534 -13.81 6.73 -1.88
N GLY A 535 -14.09 7.92 -2.37
CA GLY A 535 -13.05 8.85 -2.77
C GLY A 535 -13.45 10.29 -2.52
N VAL A 536 -12.45 11.16 -2.45
CA VAL A 536 -12.71 12.58 -2.32
C VAL A 536 -11.80 13.23 -3.35
N ARG A 537 -12.34 14.25 -4.01
CA ARG A 537 -11.64 14.98 -5.04
C ARG A 537 -11.84 16.46 -4.79
N ILE A 538 -10.77 17.23 -4.95
CA ILE A 538 -10.89 18.68 -4.97
C ILE A 538 -10.49 19.25 -6.33
N SER A 539 -11.23 20.28 -6.76
CA SER A 539 -11.03 20.93 -8.06
C SER A 539 -11.49 22.39 -7.98
N SER A 540 -11.56 23.06 -9.13
CA SER A 540 -11.80 24.49 -9.25
C SER A 540 -10.73 25.28 -8.50
N PHE A 541 -9.47 25.01 -8.86
CA PHE A 541 -8.33 25.79 -8.39
C PHE A 541 -8.35 27.12 -9.16
N PRO A 542 -7.98 28.23 -8.49
CA PRO A 542 -7.98 29.50 -9.24
C PRO A 542 -6.89 29.46 -10.30
N ASN A 543 -7.22 29.89 -11.52
CA ASN A 543 -6.39 29.66 -12.73
C ASN A 543 -5.59 30.90 -13.13
N GLY B 45 11.43 -21.67 14.42
CA GLY B 45 10.18 -22.48 14.66
C GLY B 45 8.99 -21.66 15.14
N LEU B 46 7.92 -22.37 15.50
CA LEU B 46 6.65 -21.73 15.90
C LEU B 46 6.71 -21.03 17.28
N ASN B 47 6.65 -19.70 17.26
CA ASN B 47 6.41 -18.89 18.46
C ASN B 47 4.93 -19.01 18.86
N ASP B 48 4.66 -19.94 19.79
CA ASP B 48 3.29 -20.24 20.23
C ASP B 48 2.79 -19.38 21.40
N ASN B 49 3.49 -18.30 21.77
CA ASN B 49 3.02 -17.43 22.85
C ASN B 49 1.93 -16.44 22.39
N LYS B 50 0.77 -17.02 22.03
CA LYS B 50 -0.43 -16.29 21.66
C LYS B 50 -1.63 -17.15 22.04
N ALA B 51 -2.78 -16.48 22.19
CA ALA B 51 -4.08 -17.16 22.38
C ALA B 51 -4.40 -18.03 21.15
N GLY B 52 -5.07 -19.17 21.40
CA GLY B 52 -5.50 -20.12 20.34
C GLY B 52 -4.45 -21.12 19.83
N MET B 53 -3.23 -21.06 20.38
CA MET B 53 -2.08 -21.83 19.89
C MET B 53 -1.57 -22.82 20.96
N GLU B 54 -2.53 -23.47 21.62
CA GLU B 54 -2.26 -24.39 22.75
C GLU B 54 -2.40 -25.83 22.23
N GLY B 55 -1.41 -26.68 22.53
CA GLY B 55 -1.46 -28.10 22.18
C GLY B 55 -1.38 -28.44 20.70
N LEU B 56 -0.56 -27.68 19.95
CA LEU B 56 -0.37 -27.91 18.51
C LEU B 56 0.66 -29.02 18.27
N ASP B 57 0.57 -29.69 17.12
CA ASP B 57 1.59 -30.65 16.71
C ASP B 57 2.79 -29.85 16.17
N LYS B 58 3.54 -29.25 17.09
CA LYS B 58 4.65 -28.38 16.73
C LYS B 58 5.74 -29.12 15.98
N GLU B 59 5.85 -30.44 16.16
CA GLU B 59 6.77 -31.30 15.41
C GLU B 59 6.51 -31.15 13.92
N LYS B 60 5.25 -31.38 13.53
CA LYS B 60 4.81 -31.33 12.14
C LYS B 60 4.94 -29.92 11.55
N ILE B 61 4.40 -28.94 12.28
CA ILE B 61 4.47 -27.51 11.93
C ILE B 61 5.93 -27.06 11.72
N ASN B 62 6.81 -27.37 12.66
CA ASN B 62 8.21 -26.96 12.52
C ASN B 62 8.94 -27.66 11.38
N LYS B 63 8.54 -28.90 11.04
CA LYS B 63 9.09 -29.55 9.83
C LYS B 63 8.72 -28.75 8.58
N ILE B 64 7.44 -28.39 8.47
CA ILE B 64 6.92 -27.65 7.29
C ILE B 64 7.55 -26.25 7.17
N ILE B 65 7.66 -25.56 8.29
CA ILE B 65 8.30 -24.23 8.32
C ILE B 65 9.77 -24.39 7.91
N MET B 66 10.43 -25.43 8.44
CA MET B 66 11.87 -25.62 8.22
C MET B 66 12.18 -26.03 6.78
N GLU B 67 11.41 -26.98 6.21
CA GLU B 67 11.52 -27.27 4.78
C GLU B 67 11.34 -26.02 3.89
N ALA B 68 10.43 -25.12 4.27
CA ALA B 68 10.21 -23.86 3.54
C ALA B 68 11.33 -22.80 3.69
N THR B 69 12.16 -22.93 4.72
CA THR B 69 13.07 -21.87 5.11
C THR B 69 14.55 -22.19 4.93
N LYS B 70 14.93 -23.46 5.14
CA LYS B 70 16.36 -23.85 5.08
C LYS B 70 16.96 -23.48 3.72
N GLY B 71 18.21 -23.05 3.73
CA GLY B 71 18.89 -22.67 2.50
C GLY B 71 18.66 -21.24 2.06
N SER B 72 17.62 -20.57 2.55
CA SER B 72 17.36 -19.18 2.17
C SER B 72 18.37 -18.21 2.78
N ARG B 73 18.45 -17.02 2.21
CA ARG B 73 19.20 -15.91 2.81
C ARG B 73 18.65 -15.49 4.16
N PHE B 74 17.33 -15.45 4.26
CA PHE B 74 16.67 -15.21 5.53
C PHE B 74 17.18 -16.16 6.64
N TYR B 75 17.15 -17.46 6.33
CA TYR B 75 17.55 -18.52 7.25
C TYR B 75 19.03 -18.39 7.65
N GLY B 76 19.89 -18.07 6.69
CA GLY B 76 21.28 -17.76 6.93
C GLY B 76 21.47 -16.69 8.00
N ASN B 77 20.71 -15.60 7.91
CA ASN B 77 20.80 -14.54 8.89
C ASN B 77 20.18 -14.90 10.24
N GLU B 78 19.08 -15.66 10.24
CA GLU B 78 18.54 -16.18 11.51
C GLU B 78 19.61 -16.99 12.29
N LEU B 79 20.35 -17.85 11.60
CA LEU B 79 21.40 -18.67 12.23
C LEU B 79 22.47 -17.79 12.86
N LYS B 80 22.90 -16.75 12.15
CA LYS B 80 23.84 -15.81 12.69
C LYS B 80 23.29 -15.17 13.98
N LYS B 81 22.02 -14.73 13.97
CA LYS B 81 21.48 -14.07 15.15
C LYS B 81 21.32 -15.04 16.34
N GLU B 82 20.93 -16.27 16.05
CA GLU B 82 20.81 -17.32 17.06
C GLU B 82 22.18 -17.68 17.69
N LYS B 83 23.23 -17.74 16.87
CA LYS B 83 24.59 -17.85 17.37
C LYS B 83 25.01 -16.70 18.26
N GLN B 84 24.68 -15.47 17.89
CA GLN B 84 25.00 -14.32 18.75
C GLN B 84 24.29 -14.40 20.13
N VAL B 85 23.03 -14.85 20.13
CA VAL B 85 22.31 -14.97 21.39
C VAL B 85 22.97 -16.08 22.22
N ASN B 86 23.31 -17.20 21.58
CA ASN B 86 23.95 -18.30 22.28
C ASN B 86 25.30 -17.90 22.90
N GLN B 87 26.05 -17.09 22.16
CA GLN B 87 27.29 -16.52 22.65
C GLN B 87 27.01 -15.66 23.88
N ARG B 88 25.95 -14.88 23.82
CA ARG B 88 25.58 -14.02 24.91
C ARG B 88 25.16 -14.85 26.14
N ILE B 89 24.44 -15.94 25.92
CA ILE B 89 24.10 -16.88 26.98
C ILE B 89 25.39 -17.50 27.56
N GLU B 90 26.32 -17.89 26.69
CA GLU B 90 27.59 -18.46 27.14
C GLU B 90 28.40 -17.47 27.97
N ASN B 91 28.51 -16.21 27.52
CA ASN B 91 29.20 -15.17 28.32
C ASN B 91 28.59 -15.05 29.72
N MET B 92 27.25 -15.06 29.79
CA MET B 92 26.55 -14.94 31.06
C MET B 92 26.84 -16.14 31.98
N MET B 93 26.74 -17.36 31.45
CA MET B 93 26.97 -18.58 32.24
C MET B 93 28.41 -18.68 32.75
N GLN B 94 29.36 -18.20 31.96
CA GLN B 94 30.75 -18.16 32.40
C GLN B 94 30.95 -17.12 33.49
N GLN B 95 30.28 -15.97 33.37
CA GLN B 95 30.21 -15.00 34.47
C GLN B 95 29.59 -15.63 35.72
N LYS B 96 28.43 -16.28 35.57
CA LYS B 96 27.76 -16.89 36.69
C LYS B 96 28.71 -17.82 37.48
N ALA B 97 29.49 -18.63 36.77
CA ALA B 97 30.33 -19.63 37.42
C ALA B 97 31.49 -19.00 38.25
N GLN B 98 31.82 -17.73 37.98
CA GLN B 98 32.81 -17.00 38.75
C GLN B 98 32.28 -16.25 39.96
N ILE B 99 30.96 -16.24 40.15
CA ILE B 99 30.31 -15.51 41.26
C ILE B 99 30.65 -16.23 42.60
N THR B 100 31.13 -15.49 43.58
CA THR B 100 31.39 -16.07 44.92
C THR B 100 30.19 -16.01 45.88
N SER B 101 30.17 -16.92 46.86
CA SER B 101 29.31 -16.82 48.03
C SER B 101 29.26 -15.42 48.63
N GLN B 102 30.41 -14.76 48.74
CA GLN B 102 30.45 -13.45 49.34
C GLN B 102 29.81 -12.41 48.44
N GLN B 103 30.04 -12.54 47.13
CA GLN B 103 29.44 -11.60 46.14
C GLN B 103 27.93 -11.77 46.16
N LEU B 104 27.49 -13.01 46.20
CA LEU B 104 26.09 -13.34 46.21
C LEU B 104 25.44 -12.74 47.45
N ARG B 105 26.08 -12.92 48.61
CA ARG B 105 25.58 -12.41 49.87
C ARG B 105 25.50 -10.87 49.90
N LYS B 106 26.48 -10.17 49.35
CA LYS B 106 26.43 -8.70 49.24
C LYS B 106 25.29 -8.24 48.29
N ALA B 107 25.13 -8.92 47.15
CA ALA B 107 24.03 -8.59 46.21
C ALA B 107 22.67 -8.78 46.86
N GLN B 108 22.49 -9.95 47.48
CA GLN B 108 21.28 -10.33 48.18
C GLN B 108 20.76 -9.27 49.15
N LEU B 109 21.66 -8.67 49.93
CA LEU B 109 21.30 -7.61 50.87
C LEU B 109 20.86 -6.32 50.18
N GLN B 110 21.52 -5.97 49.07
CA GLN B 110 21.19 -4.76 48.31
C GLN B 110 19.84 -4.90 47.61
N VAL B 111 19.57 -6.09 47.09
CA VAL B 111 18.33 -6.42 46.42
C VAL B 111 17.17 -6.52 47.41
N ASP B 112 17.42 -7.16 48.56
CA ASP B 112 16.41 -7.22 49.64
C ASP B 112 16.05 -5.80 50.15
N ARG B 113 17.04 -4.93 50.30
CA ARG B 113 16.79 -3.52 50.65
C ARG B 113 15.86 -2.84 49.63
N PHE B 114 16.19 -3.01 48.35
CA PHE B 114 15.37 -2.45 47.27
C PHE B 114 13.98 -3.05 47.22
N ALA B 115 13.86 -4.36 47.49
CA ALA B 115 12.55 -5.02 47.51
C ALA B 115 11.65 -4.57 48.66
N MET B 116 12.27 -4.13 49.76
CA MET B 116 11.55 -3.63 50.94
C MET B 116 10.79 -2.36 50.56
N GLU B 117 11.49 -1.42 49.92
CA GLU B 117 10.90 -0.16 49.43
C GLU B 117 9.73 -0.39 48.47
N LEU B 118 9.91 -1.37 47.57
CA LEU B 118 8.89 -1.73 46.57
C LEU B 118 7.68 -2.32 47.25
N GLU B 119 7.91 -3.31 48.12
CA GLU B 119 6.81 -3.93 48.85
C GLU B 119 6.06 -2.92 49.73
N GLN B 120 6.80 -1.98 50.33
CA GLN B 120 6.22 -0.96 51.19
C GLN B 120 5.16 -0.23 50.40
N SER B 121 5.56 0.28 49.24
CA SER B 121 4.71 1.13 48.43
C SER B 121 3.67 0.39 47.55
N ARG B 122 3.51 -0.94 47.71
CA ARG B 122 2.54 -1.71 46.92
C ARG B 122 1.16 -1.03 46.95
N ASN B 123 0.67 -0.64 45.78
CA ASN B 123 -0.59 0.07 45.65
C ASN B 123 -1.67 -0.87 45.09
N LEU B 124 -2.64 -1.23 45.94
CA LEU B 124 -3.76 -2.11 45.58
C LEU B 124 -5.08 -1.34 45.52
N SER B 125 -5.03 -0.02 45.33
CA SER B 125 -6.26 0.80 45.40
C SER B 125 -6.94 1.10 44.04
N ASN B 126 -6.25 0.84 42.92
CA ASN B 126 -6.73 1.16 41.58
C ASN B 126 -7.24 -0.08 40.85
N THR B 127 -8.32 0.07 40.10
CA THR B 127 -8.80 -1.02 39.26
C THR B 127 -8.42 -0.67 37.82
N ILE B 128 -7.43 -1.42 37.29
CA ILE B 128 -6.85 -1.20 35.97
C ILE B 128 -7.40 -2.27 35.06
N VAL B 129 -7.91 -1.82 33.91
CA VAL B 129 -8.49 -2.69 32.92
C VAL B 129 -7.61 -2.61 31.64
N HIS B 130 -7.29 -3.78 31.09
CA HIS B 130 -6.73 -3.85 29.76
C HIS B 130 -7.74 -4.51 28.81
N ILE B 131 -8.10 -3.80 27.75
CA ILE B 131 -9.02 -4.28 26.69
C ILE B 131 -8.18 -4.61 25.48
N ASP B 132 -8.46 -5.76 24.86
CA ASP B 132 -7.73 -6.27 23.73
C ASP B 132 -8.68 -6.99 22.77
N MET B 133 -8.85 -6.42 21.56
CA MET B 133 -9.74 -6.98 20.54
C MET B 133 -9.27 -8.38 20.10
N ASP B 134 -10.23 -9.26 19.86
CA ASP B 134 -9.91 -10.65 19.47
C ASP B 134 -9.65 -10.73 17.96
N ALA B 135 -8.52 -11.34 17.59
CA ALA B 135 -8.11 -11.51 16.19
C ALA B 135 -8.39 -10.26 15.34
N PHE B 136 -8.03 -9.08 15.86
CA PHE B 136 -8.64 -7.83 15.43
C PHE B 136 -8.86 -7.67 13.93
N TYR B 137 -7.79 -7.69 13.12
CA TYR B 137 -7.97 -7.39 11.68
C TYR B 137 -8.79 -8.48 11.00
N ALA B 138 -8.51 -9.73 11.35
CA ALA B 138 -9.22 -10.87 10.79
C ALA B 138 -10.71 -10.87 11.13
N ALA B 139 -11.02 -10.56 12.39
CA ALA B 139 -12.42 -10.39 12.85
C ALA B 139 -13.20 -9.33 12.05
N VAL B 140 -12.54 -8.21 11.76
CA VAL B 140 -13.13 -7.17 10.90
C VAL B 140 -13.43 -7.73 9.50
N GLU B 141 -12.47 -8.42 8.90
CA GLU B 141 -12.68 -9.01 7.59
C GLU B 141 -13.76 -10.09 7.58
N MET B 142 -13.83 -10.91 8.62
CA MET B 142 -14.88 -11.94 8.71
C MET B 142 -16.26 -11.31 8.86
N ARG B 143 -16.33 -10.26 9.67
CA ARG B 143 -17.55 -9.51 9.87
C ARG B 143 -18.12 -9.05 8.54
N ASP B 144 -17.26 -8.58 7.63
CA ASP B 144 -17.74 -7.92 6.43
C ASP B 144 -17.72 -8.76 5.18
N ASN B 145 -17.43 -10.05 5.30
CA ASN B 145 -17.59 -10.97 4.21
C ASN B 145 -18.01 -12.34 4.75
N PRO B 146 -19.33 -12.64 4.69
CA PRO B 146 -19.91 -13.84 5.34
C PRO B 146 -19.32 -15.17 4.91
N GLU B 147 -18.90 -15.28 3.67
CA GLU B 147 -18.23 -16.49 3.23
C GLU B 147 -17.05 -16.86 4.10
N LEU B 148 -16.52 -15.93 4.87
CA LEU B 148 -15.35 -16.23 5.66
C LEU B 148 -15.49 -16.70 7.10
N LYS B 149 -16.62 -16.48 7.75
CA LYS B 149 -16.73 -16.88 9.17
C LYS B 149 -16.41 -18.33 9.57
N ASP B 150 -16.56 -19.29 8.67
CA ASP B 150 -16.20 -20.68 8.99
C ASP B 150 -14.85 -21.19 8.43
N LYS B 151 -14.01 -20.31 7.87
CA LYS B 151 -12.77 -20.74 7.22
C LYS B 151 -11.56 -20.25 7.98
N PRO B 152 -10.40 -20.93 7.81
CA PRO B 152 -9.19 -20.33 8.34
C PRO B 152 -8.83 -19.17 7.44
N ILE B 153 -8.59 -18.02 8.04
CA ILE B 153 -8.14 -16.84 7.31
C ILE B 153 -7.01 -16.11 8.04
N ALA B 154 -6.31 -15.32 7.26
CA ALA B 154 -5.25 -14.47 7.74
C ALA B 154 -5.32 -13.14 7.01
N VAL B 155 -4.76 -12.09 7.60
CA VAL B 155 -4.70 -10.82 6.93
C VAL B 155 -3.24 -10.54 6.57
N GLY B 156 -3.02 -10.07 5.34
CA GLY B 156 -1.68 -9.63 4.91
C GLY B 156 -1.49 -10.02 3.47
N SER B 157 -0.36 -10.65 3.18
CA SER B 157 0.01 -11.04 1.81
C SER B 157 0.81 -12.32 1.88
N MET B 158 1.18 -12.83 0.69
CA MET B 158 2.09 -13.96 0.59
C MET B 158 3.47 -13.69 1.18
N SER B 159 3.86 -12.43 1.32
CA SER B 159 5.10 -12.06 1.98
C SER B 159 5.04 -11.95 3.49
N MET B 160 3.87 -11.61 4.03
CA MET B 160 3.76 -11.31 5.46
C MET B 160 2.31 -11.21 5.92
N LEU B 161 2.02 -11.91 7.01
CA LEU B 161 0.75 -11.83 7.70
C LEU B 161 0.88 -10.96 8.95
N SER B 162 -0.13 -10.14 9.17
CA SER B 162 -0.25 -9.31 10.34
C SER B 162 -1.00 -10.00 11.48
N THR B 163 -1.96 -10.84 11.14
CA THR B 163 -2.61 -11.74 12.09
C THR B 163 -3.35 -12.86 11.38
N SER B 164 -3.98 -13.72 12.18
CA SER B 164 -4.81 -14.81 11.69
C SER B 164 -5.96 -15.04 12.65
N ASN B 165 -7.01 -15.69 12.17
CA ASN B 165 -8.16 -15.99 13.00
C ASN B 165 -7.90 -17.30 13.76
N TYR B 166 -8.77 -17.62 14.72
CA TYR B 166 -8.51 -18.74 15.65
C TYR B 166 -8.57 -20.08 14.89
N HIS B 167 -9.42 -20.19 13.86
CA HIS B 167 -9.40 -21.43 13.04
C HIS B 167 -8.00 -21.65 12.42
N ALA B 168 -7.43 -20.58 11.88
CA ALA B 168 -6.11 -20.68 11.22
C ALA B 168 -4.98 -20.98 12.21
N ARG B 169 -5.09 -20.42 13.41
CA ARG B 169 -4.12 -20.66 14.45
C ARG B 169 -3.99 -22.14 14.82
N ARG B 170 -5.02 -22.94 14.59
CA ARG B 170 -4.92 -24.39 14.83
C ARG B 170 -3.96 -25.09 13.85
N PHE B 171 -3.62 -24.44 12.74
CA PHE B 171 -2.61 -24.96 11.80
C PHE B 171 -1.23 -24.34 12.03
N GLY B 172 -1.06 -23.59 13.10
CA GLY B 172 0.17 -22.85 13.34
C GLY B 172 0.31 -21.53 12.57
N VAL B 173 -0.74 -21.09 11.87
CA VAL B 173 -0.73 -19.81 11.14
C VAL B 173 -0.90 -18.60 12.06
N ARG B 174 -0.01 -17.62 11.96
CA ARG B 174 -0.05 -16.46 12.86
C ARG B 174 0.71 -15.24 12.33
N ALA B 175 0.51 -14.10 13.02
CA ALA B 175 1.25 -12.85 12.81
C ALA B 175 2.74 -13.08 12.64
N ALA B 176 3.37 -12.30 11.75
CA ALA B 176 4.84 -12.32 11.56
C ALA B 176 5.36 -13.47 10.68
N MET B 177 4.46 -14.36 10.25
CA MET B 177 4.78 -15.46 9.35
C MET B 177 4.41 -15.04 7.93
N PRO B 178 5.28 -15.34 6.95
CA PRO B 178 4.91 -15.07 5.56
C PRO B 178 3.71 -15.92 5.14
N GLY B 179 2.81 -15.33 4.36
CA GLY B 179 1.67 -16.06 3.79
C GLY B 179 2.07 -17.31 2.99
N PHE B 180 3.19 -17.24 2.28
CA PHE B 180 3.64 -18.39 1.49
C PHE B 180 3.94 -19.59 2.39
N ILE B 181 4.46 -19.34 3.58
CA ILE B 181 4.67 -20.41 4.54
C ILE B 181 3.34 -20.86 5.17
N ALA B 182 2.48 -19.91 5.53
CA ALA B 182 1.16 -20.22 6.13
C ALA B 182 0.33 -21.14 5.23
N LYS B 183 0.35 -20.84 3.94
CA LYS B 183 -0.33 -21.67 2.92
C LYS B 183 0.18 -23.12 2.82
N ARG B 184 1.47 -23.37 3.15
CA ARG B 184 2.01 -24.74 3.27
C ARG B 184 1.47 -25.48 4.48
N LEU B 185 1.26 -24.76 5.59
CA LEU B 185 0.67 -25.31 6.80
C LEU B 185 -0.81 -25.50 6.65
N CYS B 186 -1.44 -24.68 5.81
CA CYS B 186 -2.88 -24.64 5.68
C CYS B 186 -3.26 -24.28 4.23
N PRO B 187 -3.23 -25.27 3.31
CA PRO B 187 -3.58 -25.11 1.89
C PRO B 187 -4.84 -24.33 1.60
N GLN B 188 -5.85 -24.48 2.44
CA GLN B 188 -7.17 -23.85 2.32
C GLN B 188 -7.21 -22.42 2.89
N LEU B 189 -6.11 -21.96 3.48
CA LEU B 189 -6.08 -20.62 4.12
C LEU B 189 -6.50 -19.50 3.15
N ILE B 190 -7.36 -18.63 3.64
CA ILE B 190 -7.77 -17.45 2.93
C ILE B 190 -6.94 -16.26 3.43
N ILE B 191 -6.14 -15.68 2.55
CA ILE B 191 -5.36 -14.48 2.90
C ILE B 191 -6.07 -13.24 2.35
N VAL B 192 -6.52 -12.38 3.25
CA VAL B 192 -7.25 -11.17 2.90
C VAL B 192 -6.28 -9.98 2.98
N PRO B 193 -6.17 -9.16 1.92
CA PRO B 193 -5.37 -7.96 2.00
C PRO B 193 -5.89 -7.03 3.06
N PRO B 194 -5.00 -6.26 3.72
CA PRO B 194 -5.42 -5.41 4.84
C PRO B 194 -6.25 -4.21 4.41
N ASN B 195 -7.17 -3.78 5.26
CA ASN B 195 -7.89 -2.52 5.03
C ASN B 195 -7.69 -1.60 6.23
N PHE B 196 -6.52 -0.96 6.25
CA PHE B 196 -6.06 -0.24 7.44
C PHE B 196 -7.05 0.84 7.90
N ASP B 197 -7.72 1.51 6.98
CA ASP B 197 -8.63 2.62 7.35
C ASP B 197 -9.88 2.11 8.02
N LYS B 198 -10.33 0.92 7.66
CA LYS B 198 -11.41 0.27 8.39
C LYS B 198 -11.03 -0.03 9.82
N TYR B 199 -9.83 -0.59 10.01
CA TYR B 199 -9.36 -0.90 11.35
C TYR B 199 -9.27 0.37 12.22
N ARG B 200 -8.79 1.48 11.65
CA ARG B 200 -8.77 2.76 12.35
C ARG B 200 -10.18 3.19 12.76
N ALA B 201 -11.14 3.04 11.85
CA ALA B 201 -12.52 3.41 12.08
C ALA B 201 -13.14 2.58 13.19
N VAL B 202 -12.90 1.27 13.19
CA VAL B 202 -13.44 0.43 14.24
C VAL B 202 -12.83 0.86 15.57
N SER B 203 -11.52 1.10 15.58
CA SER B 203 -10.82 1.54 16.78
C SER B 203 -11.45 2.81 17.38
N LYS B 204 -11.87 3.73 16.52
CA LYS B 204 -12.52 4.94 16.95
C LYS B 204 -13.84 4.59 17.66
N GLU B 205 -14.63 3.71 17.07
CA GLU B 205 -15.86 3.26 17.67
C GLU B 205 -15.59 2.65 19.05
N VAL B 206 -14.54 1.85 19.19
CA VAL B 206 -14.21 1.24 20.47
C VAL B 206 -13.77 2.26 21.50
N LYS B 207 -12.90 3.15 21.11
CA LYS B 207 -12.38 4.24 21.98
C LYS B 207 -13.46 5.19 22.54
N GLU B 208 -14.52 5.42 21.75
CA GLU B 208 -15.67 6.19 22.21
C GLU B 208 -16.42 5.54 23.38
N ILE B 209 -16.54 4.21 23.35
CA ILE B 209 -17.10 3.49 24.49
C ILE B 209 -16.18 3.61 25.71
N LEU B 210 -14.88 3.40 25.52
CA LEU B 210 -13.93 3.37 26.64
C LEU B 210 -13.88 4.71 27.38
N ALA B 211 -14.05 5.81 26.64
CA ALA B 211 -14.03 7.15 27.25
C ALA B 211 -15.16 7.39 28.28
N ASP B 212 -16.27 6.68 28.18
CA ASP B 212 -17.32 6.74 29.22
C ASP B 212 -16.81 6.26 30.56
N TYR B 213 -15.92 5.28 30.58
CA TYR B 213 -15.50 4.63 31.83
C TYR B 213 -14.23 5.22 32.40
N ASP B 214 -13.34 5.70 31.54
CA ASP B 214 -12.16 6.44 31.99
C ASP B 214 -11.80 7.40 30.88
N PRO B 215 -12.09 8.71 31.07
CA PRO B 215 -11.78 9.69 30.02
C PRO B 215 -10.30 9.85 29.74
N ASN B 216 -9.45 9.49 30.70
CA ASN B 216 -8.00 9.49 30.54
C ASN B 216 -7.45 8.09 30.23
N PHE B 217 -8.23 7.27 29.52
CA PHE B 217 -7.76 5.94 29.15
C PHE B 217 -6.55 6.09 28.23
N MET B 218 -5.71 5.06 28.23
CA MET B 218 -4.48 5.08 27.46
C MET B 218 -4.57 4.09 26.29
N ALA B 219 -4.66 4.62 25.09
CA ALA B 219 -4.67 3.79 23.89
C ALA B 219 -3.24 3.40 23.57
N MET B 220 -3.00 2.09 23.41
CA MET B 220 -1.67 1.54 23.12
C MET B 220 -1.44 1.23 21.65
N SER B 221 -2.50 0.81 20.98
CA SER B 221 -2.47 0.58 19.53
C SER B 221 -3.94 0.71 19.06
N LEU B 222 -4.26 0.26 17.86
CA LEU B 222 -5.65 0.30 17.44
C LEU B 222 -6.51 -0.69 18.23
N ASP B 223 -5.97 -1.83 18.62
CA ASP B 223 -6.85 -2.84 19.21
C ASP B 223 -6.85 -2.95 20.73
N GLU B 224 -6.09 -2.12 21.42
CA GLU B 224 -5.89 -2.32 22.86
C GLU B 224 -5.74 -1.04 23.64
N ALA B 225 -6.25 -1.07 24.88
CA ALA B 225 -6.15 0.10 25.74
C ALA B 225 -6.13 -0.28 27.22
N TYR B 226 -5.56 0.62 28.01
CA TYR B 226 -5.66 0.56 29.47
C TYR B 226 -6.66 1.60 29.96
N LEU B 227 -7.49 1.21 30.92
CA LEU B 227 -8.38 2.13 31.61
C LEU B 227 -8.18 2.00 33.10
N ASN B 228 -8.27 3.13 33.78
CA ASN B 228 -8.39 3.16 35.23
C ASN B 228 -9.85 3.41 35.58
N ILE B 229 -10.58 2.33 35.90
CA ILE B 229 -12.00 2.46 36.21
C ILE B 229 -12.33 2.75 37.70
N THR B 230 -11.34 3.15 38.50
CA THR B 230 -11.51 3.37 39.93
C THR B 230 -12.59 4.41 40.19
N LYS B 231 -12.44 5.59 39.60
CA LYS B 231 -13.44 6.69 39.73
C LYS B 231 -14.84 6.24 39.32
N HIS B 232 -14.95 5.64 38.14
CA HIS B 232 -16.23 5.16 37.65
C HIS B 232 -16.91 4.16 38.59
N LEU B 233 -16.13 3.24 39.17
CA LEU B 233 -16.65 2.32 40.17
C LEU B 233 -17.20 3.02 41.40
N GLU B 234 -16.55 4.11 41.83
CA GLU B 234 -17.06 4.89 42.95
C GLU B 234 -18.45 5.46 42.60
N GLU B 235 -18.54 6.15 41.47
CA GLU B 235 -19.79 6.75 41.02
C GLU B 235 -20.86 5.69 40.82
N ARG B 236 -20.48 4.56 40.23
CA ARG B 236 -21.44 3.55 39.82
C ARG B 236 -22.16 2.82 40.96
N GLN B 237 -21.58 2.80 42.16
CA GLN B 237 -22.19 2.08 43.29
C GLN B 237 -23.65 2.50 43.51
N ASN B 238 -23.92 3.80 43.35
CA ASN B 238 -25.25 4.40 43.58
C ASN B 238 -26.10 4.66 42.33
N TRP B 239 -25.72 4.08 41.18
CA TRP B 239 -26.45 4.29 39.93
C TRP B 239 -27.71 3.41 39.84
N PRO B 240 -28.86 4.03 39.49
CA PRO B 240 -30.07 3.24 39.19
C PRO B 240 -29.91 2.34 37.96
N GLU B 241 -30.76 1.31 37.85
CA GLU B 241 -30.77 0.43 36.67
C GLU B 241 -30.84 1.15 35.35
N ASP B 242 -31.52 2.31 35.31
CA ASP B 242 -31.53 3.18 34.12
C ASP B 242 -30.15 3.49 33.53
N LYS B 243 -29.15 3.69 34.39
CA LYS B 243 -27.81 4.07 33.93
C LYS B 243 -26.91 2.88 33.59
N ARG B 244 -27.42 1.66 33.76
CA ARG B 244 -26.69 0.41 33.50
C ARG B 244 -27.43 -0.58 32.64
N ARG B 245 -28.34 -0.06 31.81
CA ARG B 245 -29.19 -0.86 30.91
C ARG B 245 -28.77 -0.55 29.49
N TYR B 246 -28.48 -1.58 28.72
CA TYR B 246 -28.20 -1.45 27.29
C TYR B 246 -29.07 -2.44 26.54
N PHE B 247 -29.63 -2.00 25.40
CA PHE B 247 -30.51 -2.81 24.58
C PHE B 247 -29.66 -3.56 23.57
N ILE B 248 -30.11 -4.76 23.19
CA ILE B 248 -29.39 -5.58 22.19
C ILE B 248 -29.72 -5.08 20.77
N LYS B 249 -28.72 -5.06 19.90
CA LYS B 249 -28.87 -4.58 18.51
C LYS B 249 -28.41 -5.62 17.52
N ASN B 307 -35.36 -6.16 23.66
CA ASN B 307 -34.73 -6.83 24.78
C ASN B 307 -33.59 -5.98 25.39
N SER B 308 -33.71 -5.70 26.69
CA SER B 308 -32.71 -4.94 27.46
C SER B 308 -31.79 -5.89 28.21
N VAL B 309 -30.60 -5.39 28.57
CA VAL B 309 -29.71 -6.07 29.54
C VAL B 309 -29.25 -5.07 30.57
N VAL B 310 -29.23 -5.47 31.84
CA VAL B 310 -28.75 -4.64 32.95
C VAL B 310 -27.46 -5.24 33.52
N PHE B 311 -26.49 -4.38 33.83
CA PHE B 311 -25.18 -4.80 34.34
C PHE B 311 -25.05 -4.27 35.75
N GLY B 312 -24.41 -5.07 36.60
CA GLY B 312 -24.17 -4.72 38.00
C GLY B 312 -23.17 -3.60 38.23
N THR B 313 -22.72 -3.52 39.48
CA THR B 313 -21.86 -2.44 39.98
C THR B 313 -20.42 -2.85 40.23
N SER B 314 -20.10 -4.15 40.20
CA SER B 314 -18.72 -4.61 40.39
C SER B 314 -17.84 -4.34 39.15
N ALA B 315 -16.55 -4.43 39.37
CA ALA B 315 -15.56 -4.33 38.30
C ALA B 315 -15.81 -5.34 37.17
N GLN B 316 -16.05 -6.60 37.54
CA GLN B 316 -16.41 -7.62 36.55
C GLN B 316 -17.62 -7.22 35.71
N GLU B 317 -18.65 -6.64 36.34
CA GLU B 317 -19.86 -6.22 35.62
C GLU B 317 -19.64 -5.00 34.72
N VAL B 318 -18.83 -4.05 35.18
CA VAL B 318 -18.43 -2.94 34.33
C VAL B 318 -17.76 -3.45 33.05
N VAL B 319 -16.85 -4.40 33.21
CA VAL B 319 -16.06 -4.89 32.09
C VAL B 319 -16.94 -5.69 31.17
N LYS B 320 -17.89 -6.46 31.72
CA LYS B 320 -18.93 -7.10 30.91
C LYS B 320 -19.72 -6.09 30.13
N GLU B 321 -20.05 -4.98 30.76
CA GLU B 321 -20.82 -3.93 30.10
C GLU B 321 -19.98 -3.36 28.93
N ILE B 322 -18.70 -3.05 29.18
CA ILE B 322 -17.80 -2.56 28.11
C ILE B 322 -17.74 -3.52 26.93
N ARG B 323 -17.56 -4.79 27.23
CA ARG B 323 -17.44 -5.81 26.17
C ARG B 323 -18.75 -6.05 25.40
N PHE B 324 -19.87 -6.02 26.13
CA PHE B 324 -21.19 -6.05 25.51
C PHE B 324 -21.36 -4.86 24.57
N ARG B 325 -21.05 -3.65 25.02
CA ARG B 325 -21.21 -2.46 24.18
C ARG B 325 -20.36 -2.50 22.89
N ILE B 326 -19.12 -2.96 23.01
CA ILE B 326 -18.22 -3.10 21.85
C ILE B 326 -18.83 -4.05 20.85
N GLU B 327 -19.26 -5.21 21.30
CA GLU B 327 -19.91 -6.17 20.40
C GLU B 327 -21.21 -5.64 19.78
N GLN B 328 -22.01 -4.86 20.51
CA GLN B 328 -23.20 -4.27 19.92
C GLN B 328 -22.86 -3.19 18.90
N LYS B 329 -21.82 -2.40 19.16
CA LYS B 329 -21.52 -1.29 18.25
C LYS B 329 -20.77 -1.74 16.96
N THR B 330 -19.79 -2.61 17.12
CA THR B 330 -18.92 -3.04 16.07
C THR B 330 -19.07 -4.43 15.54
N THR B 331 -19.81 -5.26 16.24
CA THR B 331 -20.05 -6.65 15.88
C THR B 331 -18.81 -7.52 16.14
N LEU B 332 -17.89 -7.02 16.93
CA LEU B 332 -16.68 -7.73 17.21
C LEU B 332 -16.50 -7.95 18.68
N THR B 333 -15.76 -8.99 19.05
CA THR B 333 -15.51 -9.24 20.45
C THR B 333 -14.17 -8.67 20.92
N ALA B 334 -14.12 -8.36 22.23
CA ALA B 334 -12.89 -8.07 22.95
C ALA B 334 -12.70 -9.01 24.14
N SER B 335 -11.45 -9.18 24.55
CA SER B 335 -11.14 -9.81 25.82
C SER B 335 -10.62 -8.75 26.77
N ALA B 336 -10.73 -9.03 28.06
CA ALA B 336 -10.35 -8.02 29.04
C ALA B 336 -9.71 -8.61 30.28
N GLY B 337 -8.82 -7.83 30.86
CA GLY B 337 -8.12 -8.19 32.09
C GLY B 337 -8.34 -7.07 33.10
N ILE B 338 -8.56 -7.47 34.36
CA ILE B 338 -8.82 -6.53 35.47
C ILE B 338 -7.86 -6.84 36.62
N ALA B 339 -7.17 -5.83 37.10
CA ALA B 339 -6.10 -6.06 38.06
C ALA B 339 -5.71 -4.74 38.68
N PRO B 340 -4.93 -4.80 39.79
CA PRO B 340 -4.45 -3.57 40.43
C PRO B 340 -3.42 -2.77 39.69
N ASN B 341 -2.81 -3.33 38.65
CA ASN B 341 -1.81 -2.59 37.89
C ASN B 341 -1.75 -3.03 36.43
N THR B 342 -1.03 -2.27 35.62
CA THR B 342 -1.02 -2.50 34.16
C THR B 342 -0.35 -3.80 33.75
N MET B 343 0.74 -4.13 34.42
CA MET B 343 1.47 -5.38 34.14
C MET B 343 0.53 -6.58 34.29
N LEU B 344 -0.17 -6.64 35.42
CA LEU B 344 -1.08 -7.76 35.67
C LEU B 344 -2.31 -7.74 34.77
N ALA B 345 -2.84 -6.54 34.55
CA ALA B 345 -4.04 -6.37 33.70
C ALA B 345 -3.84 -6.99 32.29
N LYS B 346 -2.68 -6.69 31.70
CA LYS B 346 -2.34 -7.23 30.38
C LYS B 346 -2.22 -8.73 30.39
N VAL B 347 -1.62 -9.32 31.43
CA VAL B 347 -1.58 -10.79 31.52
C VAL B 347 -2.99 -11.39 31.55
N CYS B 348 -3.87 -10.77 32.35
CA CYS B 348 -5.24 -11.21 32.54
C CYS B 348 -6.08 -11.15 31.28
N SER B 349 -5.88 -10.10 30.46
CA SER B 349 -6.64 -9.99 29.22
C SER B 349 -6.37 -11.15 28.27
N ASP B 350 -5.16 -11.70 28.31
CA ASP B 350 -4.82 -12.86 27.49
C ASP B 350 -5.34 -14.18 28.03
N LYS B 351 -5.64 -14.25 29.33
CA LYS B 351 -5.90 -15.54 29.98
C LYS B 351 -7.14 -16.30 29.49
N ASN B 352 -8.27 -15.61 29.32
CA ASN B 352 -9.51 -16.21 28.79
C ASN B 352 -9.86 -15.73 27.37
N LYS B 353 -8.84 -15.38 26.60
CA LYS B 353 -9.00 -14.96 25.21
C LYS B 353 -9.37 -16.21 24.39
N PRO B 354 -10.26 -16.14 23.41
CA PRO B 354 -10.96 -14.94 22.98
C PRO B 354 -12.32 -14.81 23.66
N ASN B 355 -12.87 -13.61 23.57
CA ASN B 355 -14.20 -13.28 24.07
C ASN B 355 -14.37 -13.71 25.52
N GLY B 356 -13.41 -13.30 26.33
CA GLY B 356 -13.40 -13.66 27.73
C GLY B 356 -12.76 -12.57 28.54
N GLN B 357 -12.76 -12.82 29.84
CA GLN B 357 -12.52 -11.80 30.81
C GLN B 357 -11.87 -12.49 32.02
N TYR B 358 -11.00 -11.78 32.74
CA TYR B 358 -10.42 -12.32 33.97
C TYR B 358 -9.95 -11.21 34.93
N GLN B 359 -10.24 -11.43 36.23
CA GLN B 359 -9.83 -10.50 37.30
C GLN B 359 -8.90 -11.10 38.36
N ILE B 360 -7.91 -10.31 38.75
CA ILE B 360 -7.13 -10.53 39.96
C ILE B 360 -7.66 -9.54 40.99
N LEU B 361 -8.35 -10.04 42.01
CA LEU B 361 -8.88 -9.18 43.08
C LEU B 361 -7.77 -8.38 43.76
N PRO B 362 -8.06 -7.14 44.16
CA PRO B 362 -7.01 -6.31 44.71
C PRO B 362 -6.66 -6.61 46.19
N ASN B 363 -6.24 -7.83 46.49
CA ASN B 363 -5.54 -8.14 47.74
C ASN B 363 -4.18 -8.81 47.43
N ARG B 364 -3.17 -8.53 48.27
CA ARG B 364 -1.80 -9.08 48.11
C ARG B 364 -1.78 -10.59 47.84
N GLN B 365 -2.58 -11.35 48.57
CA GLN B 365 -2.60 -12.80 48.43
C GLN B 365 -3.05 -13.28 47.04
N ALA B 366 -4.09 -12.67 46.48
CA ALA B 366 -4.55 -13.03 45.12
C ALA B 366 -3.46 -12.76 44.04
N VAL B 367 -2.73 -11.66 44.21
CA VAL B 367 -1.65 -11.26 43.32
C VAL B 367 -0.52 -12.31 43.36
N MET B 368 -0.14 -12.74 44.57
CA MET B 368 0.96 -13.72 44.75
C MET B 368 0.60 -15.12 44.29
N ASP B 369 -0.63 -15.55 44.54
CA ASP B 369 -1.13 -16.83 44.01
C ASP B 369 -1.20 -16.85 42.49
N PHE B 370 -1.48 -15.69 41.87
CA PHE B 370 -1.50 -15.60 40.40
C PHE B 370 -0.09 -15.67 39.81
N ILE B 371 0.77 -14.78 40.30
CA ILE B 371 2.19 -14.68 39.96
C ILE B 371 2.99 -16.00 40.15
N LYS B 372 2.65 -16.74 41.21
CA LYS B 372 3.42 -17.91 41.66
C LYS B 372 3.99 -18.80 40.56
N ASP B 373 3.12 -19.46 39.81
CA ASP B 373 3.53 -20.37 38.75
C ASP B 373 3.34 -19.78 37.36
N LEU B 374 3.24 -18.45 37.27
CA LEU B 374 3.11 -17.75 35.99
C LEU B 374 4.40 -17.92 35.21
N PRO B 375 4.33 -18.53 34.01
CA PRO B 375 5.51 -18.47 33.12
C PRO B 375 5.92 -17.02 32.78
N ILE B 376 7.19 -16.69 32.93
CA ILE B 376 7.70 -15.33 32.67
C ILE B 376 7.45 -14.80 31.24
N ARG B 377 7.41 -15.72 30.28
CA ARG B 377 7.15 -15.40 28.88
CA ARG B 377 7.15 -15.39 28.88
C ARG B 377 5.78 -14.76 28.66
N LYS B 378 4.83 -15.07 29.55
CA LYS B 378 3.52 -14.40 29.53
C LYS B 378 3.56 -12.92 29.90
N VAL B 379 4.67 -12.42 30.45
CA VAL B 379 4.74 -11.01 30.86
C VAL B 379 5.24 -10.13 29.70
N SER B 380 4.61 -8.98 29.53
CA SER B 380 4.94 -8.09 28.44
C SER B 380 6.31 -7.51 28.70
N GLY B 381 7.19 -7.62 27.71
CA GLY B 381 8.57 -7.15 27.79
C GLY B 381 9.56 -8.29 27.92
N ILE B 382 9.08 -9.49 28.23
CA ILE B 382 9.90 -10.70 28.23
C ILE B 382 9.71 -11.40 26.90
N GLY B 383 10.61 -11.12 25.96
CA GLY B 383 10.56 -11.73 24.66
C GLY B 383 11.35 -13.02 24.59
N LYS B 384 11.45 -13.53 23.37
CA LYS B 384 12.23 -14.70 23.02
C LYS B 384 13.62 -14.72 23.63
N VAL B 385 14.35 -13.61 23.49
CA VAL B 385 15.76 -13.56 23.90
C VAL B 385 15.88 -13.62 25.40
N THR B 386 15.13 -12.76 26.10
CA THR B 386 15.16 -12.73 27.54
C THR B 386 14.71 -14.05 28.13
N GLU B 387 13.66 -14.62 27.58
CA GLU B 387 13.16 -15.90 28.04
C GLU B 387 14.28 -16.96 27.97
N LYS B 388 15.00 -17.00 26.85
CA LYS B 388 16.05 -18.02 26.64
C LYS B 388 17.23 -17.84 27.62
N MET B 389 17.65 -16.60 27.82
CA MET B 389 18.70 -16.28 28.76
C MET B 389 18.29 -16.70 30.18
N LEU B 390 17.07 -16.37 30.57
CA LEU B 390 16.61 -16.72 31.91
C LEU B 390 16.39 -18.23 32.05
N LYS B 391 15.91 -18.91 31.01
CA LYS B 391 15.83 -20.38 31.02
C LYS B 391 17.19 -21.05 31.25
N ALA B 392 18.25 -20.44 30.71
CA ALA B 392 19.61 -20.91 30.93
C ALA B 392 20.04 -20.83 32.41
N LEU B 393 19.43 -19.93 33.17
CA LEU B 393 19.62 -19.84 34.61
C LEU B 393 18.64 -20.71 35.43
N GLY B 394 17.80 -21.49 34.76
CA GLY B 394 16.76 -22.31 35.43
C GLY B 394 15.48 -21.55 35.81
N ILE B 395 15.31 -20.36 35.24
CA ILE B 395 14.19 -19.47 35.54
C ILE B 395 13.11 -19.59 34.46
N ILE B 396 12.00 -20.24 34.81
CA ILE B 396 10.81 -20.35 33.96
C ILE B 396 9.60 -19.58 34.52
N THR B 397 9.47 -19.46 35.84
CA THR B 397 8.29 -18.84 36.49
C THR B 397 8.71 -17.58 37.23
N CYS B 398 7.72 -16.78 37.62
CA CYS B 398 7.99 -15.59 38.43
C CYS B 398 8.50 -15.93 39.86
N THR B 399 8.13 -17.10 40.37
CA THR B 399 8.68 -17.61 41.63
C THR B 399 10.21 -17.79 41.51
N GLU B 400 10.63 -18.52 40.49
CA GLU B 400 12.06 -18.72 40.21
C GLU B 400 12.77 -17.38 39.95
N LEU B 401 12.07 -16.44 39.31
CA LEU B 401 12.64 -15.10 39.07
C LEU B 401 12.93 -14.36 40.38
N TYR B 402 11.99 -14.45 41.32
CA TYR B 402 12.17 -13.87 42.66
C TYR B 402 13.38 -14.52 43.39
N GLN B 403 13.40 -15.83 43.39
CA GLN B 403 14.44 -16.60 44.11
C GLN B 403 15.87 -16.27 43.68
N GLN B 404 16.07 -16.08 42.38
CA GLN B 404 17.37 -15.78 41.79
C GLN B 404 17.64 -14.31 41.70
N ARG B 405 16.89 -13.50 42.46
CA ARG B 405 17.04 -12.05 42.35
C ARG B 405 18.43 -11.52 42.62
N ALA B 406 19.15 -12.15 43.56
CA ALA B 406 20.51 -11.71 43.89
C ALA B 406 21.42 -11.97 42.69
N LEU B 407 21.35 -13.18 42.17
CA LEU B 407 22.12 -13.56 41.00
C LEU B 407 21.79 -12.66 39.80
N LEU B 408 20.48 -12.40 39.61
CA LEU B 408 20.02 -11.47 38.54
C LEU B 408 20.66 -10.10 38.63
N SER B 409 20.86 -9.59 39.85
CA SER B 409 21.50 -8.28 40.05
C SER B 409 22.98 -8.26 39.72
N LEU B 410 23.62 -9.41 39.63
CA LEU B 410 25.02 -9.47 39.22
C LEU B 410 25.15 -9.77 37.72
N LEU B 411 24.20 -10.52 37.16
CA LEU B 411 24.23 -10.86 35.74
C LEU B 411 23.54 -9.88 34.79
N PHE B 412 22.77 -8.90 35.29
CA PHE B 412 22.03 -7.98 34.43
C PHE B 412 22.21 -6.55 34.88
N SER B 413 21.96 -5.65 33.94
CA SER B 413 21.96 -4.23 34.21
C SER B 413 20.90 -3.91 35.24
N GLU B 414 21.04 -2.70 35.81
CA GLU B 414 20.17 -2.23 36.87
C GLU B 414 18.73 -2.13 36.38
N THR B 415 18.55 -1.51 35.22
CA THR B 415 17.23 -1.43 34.56
C THR B 415 16.55 -2.80 34.45
N SER B 416 17.30 -3.80 34.02
CA SER B 416 16.73 -5.13 33.82
C SER B 416 16.34 -5.82 35.12
N TRP B 417 17.23 -5.84 36.12
CA TRP B 417 16.90 -6.55 37.38
C TRP B 417 15.88 -5.78 38.20
N HIS B 418 15.93 -4.45 38.18
CA HIS B 418 14.82 -3.68 38.79
C HIS B 418 13.47 -4.15 38.24
N TYR B 419 13.43 -4.28 36.91
CA TYR B 419 12.25 -4.70 36.16
C TYR B 419 11.85 -6.12 36.54
N PHE B 420 12.82 -7.03 36.54
CA PHE B 420 12.55 -8.41 36.91
C PHE B 420 11.97 -8.48 38.33
N LEU B 421 12.46 -7.61 39.20
CA LEU B 421 12.05 -7.66 40.60
C LEU B 421 10.59 -7.21 40.74
N HIS B 422 10.23 -6.15 40.02
CA HIS B 422 8.84 -5.68 39.93
C HIS B 422 7.93 -6.80 39.48
N ILE B 423 8.35 -7.50 38.42
CA ILE B 423 7.56 -8.63 37.92
C ILE B 423 7.40 -9.71 38.98
N SER B 424 8.51 -10.13 39.60
CA SER B 424 8.50 -11.24 40.58
C SER B 424 7.67 -10.92 41.84
N LEU B 425 7.45 -9.63 42.10
CA LEU B 425 6.56 -9.17 43.17
C LEU B 425 5.11 -8.86 42.72
N GLY B 426 4.78 -9.03 41.45
CA GLY B 426 3.46 -8.69 40.92
C GLY B 426 3.13 -7.19 40.95
N LEU B 427 4.13 -6.34 40.72
CA LEU B 427 3.98 -4.88 40.72
C LEU B 427 3.96 -4.31 39.28
N GLY B 428 3.60 -3.05 39.17
CA GLY B 428 3.55 -2.36 37.88
C GLY B 428 2.86 -1.02 38.02
N SER B 429 2.57 -0.37 36.89
CA SER B 429 1.93 0.95 36.89
C SER B 429 0.49 0.88 37.37
N THR B 430 0.17 1.80 38.28
CA THR B 430 -1.17 1.95 38.84
C THR B 430 -1.82 3.28 38.46
N HIS B 431 -1.09 4.18 37.80
CA HIS B 431 -1.70 5.35 37.18
C HIS B 431 -1.25 5.51 35.73
N LEU B 432 -2.18 5.92 34.88
CA LEU B 432 -1.99 5.94 33.44
C LEU B 432 -1.68 7.36 33.03
N THR B 433 -0.49 7.59 32.49
CA THR B 433 -0.08 8.92 32.03
C THR B 433 -0.65 9.26 30.64
N ARG B 434 -0.85 10.54 30.38
CA ARG B 434 -1.23 11.02 29.05
C ARG B 434 -0.07 10.76 28.08
N ASP B 435 -0.40 10.54 26.80
CA ASP B 435 0.60 10.23 25.77
C ASP B 435 1.50 11.44 25.56
N GLY B 436 2.75 11.34 26.05
CA GLY B 436 3.69 12.45 26.03
C GLY B 436 4.21 12.80 24.64
N GLU B 437 5.19 13.70 24.59
CA GLU B 437 5.83 14.08 23.34
C GLU B 437 6.45 12.83 22.71
N ARG B 438 6.20 12.63 21.41
CA ARG B 438 6.89 11.57 20.66
C ARG B 438 8.39 11.87 20.58
N LYS B 439 9.20 10.82 20.49
CA LYS B 439 10.65 10.95 20.43
C LYS B 439 11.25 10.82 19.02
N SER B 440 10.51 10.27 18.07
CA SER B 440 11.05 10.09 16.72
C SER B 440 9.94 9.87 15.72
N MET B 441 10.31 9.97 14.45
CA MET B 441 9.40 9.62 13.36
C MET B 441 10.20 8.95 12.26
N SER B 442 9.67 7.90 11.66
CA SER B 442 10.42 7.21 10.64
C SER B 442 9.55 6.64 9.56
N VAL B 443 10.19 6.30 8.46
CA VAL B 443 9.59 5.58 7.39
C VAL B 443 10.64 4.60 6.90
N GLU B 444 10.19 3.41 6.52
CA GLU B 444 11.08 2.45 5.94
C GLU B 444 10.30 1.58 4.99
N ARG B 445 10.98 0.95 4.04
CA ARG B 445 10.28 0.17 3.04
C ARG B 445 11.13 -0.93 2.51
N THR B 446 10.52 -2.10 2.29
CA THR B 446 11.16 -3.26 1.68
C THR B 446 10.82 -3.35 0.19
N PHE B 447 11.77 -3.79 -0.61
CA PHE B 447 11.61 -3.85 -2.04
C PHE B 447 12.48 -4.98 -2.56
N SER B 448 12.16 -5.45 -3.76
CA SER B 448 13.06 -6.27 -4.55
C SER B 448 14.38 -5.48 -4.69
N GLU B 449 15.46 -6.21 -4.91
CA GLU B 449 16.81 -5.71 -4.74
C GLU B 449 17.03 -4.41 -5.50
N ILE B 450 17.64 -3.41 -4.83
CA ILE B 450 18.12 -2.18 -5.47
C ILE B 450 19.64 -2.16 -5.24
N ASN B 451 20.38 -2.09 -6.34
CA ASN B 451 21.84 -2.12 -6.30
C ASN B 451 22.50 -1.00 -7.11
N LYS B 452 21.72 -0.12 -7.74
CA LYS B 452 22.28 0.98 -8.52
C LYS B 452 22.25 2.23 -7.65
N ALA B 453 23.42 2.85 -7.47
CA ALA B 453 23.57 4.02 -6.60
C ALA B 453 22.57 5.14 -6.89
N GLU B 454 22.38 5.50 -8.15
CA GLU B 454 21.38 6.53 -8.45
C GLU B 454 19.98 6.16 -7.99
N GLU B 455 19.63 4.89 -8.11
CA GLU B 455 18.30 4.46 -7.63
C GLU B 455 18.19 4.52 -6.08
N GLN B 456 19.28 4.18 -5.43
CA GLN B 456 19.35 4.26 -3.98
C GLN B 456 19.19 5.70 -3.48
N TYR B 457 19.90 6.64 -4.11
CA TYR B 457 19.67 8.07 -3.82
C TYR B 457 18.27 8.53 -4.03
N SER B 458 17.64 8.10 -5.12
CA SER B 458 16.24 8.50 -5.38
C SER B 458 15.29 7.92 -4.33
N LEU B 459 15.53 6.69 -3.91
CA LEU B 459 14.69 6.12 -2.88
C LEU B 459 14.81 6.86 -1.55
N CYS B 460 16.05 7.16 -1.20
CA CYS B 460 16.35 7.96 -0.04
C CYS B 460 15.62 9.30 -0.09
N GLN B 461 15.65 9.94 -1.25
CA GLN B 461 14.93 11.21 -1.47
C GLN B 461 13.44 11.12 -1.24
N GLU B 462 12.85 10.09 -1.85
CA GLU B 462 11.42 9.87 -1.69
C GLU B 462 11.08 9.62 -0.23
N LEU B 463 11.89 8.79 0.44
CA LEU B 463 11.66 8.51 1.83
C LEU B 463 11.78 9.77 2.69
N CYS B 464 12.76 10.61 2.38
CA CYS B 464 12.89 11.88 3.08
C CYS B 464 11.66 12.80 2.87
N SER B 465 11.10 12.82 1.67
CA SER B 465 9.88 13.63 1.43
C SER B 465 8.70 13.12 2.19
N GLU B 466 8.46 11.81 2.16
CA GLU B 466 7.36 11.27 2.97
C GLU B 466 7.51 11.67 4.40
N LEU B 467 8.75 11.59 4.90
CA LEU B 467 9.01 11.89 6.29
C LEU B 467 8.81 13.37 6.65
N ALA B 468 9.27 14.28 5.79
CA ALA B 468 8.99 15.70 5.94
C ALA B 468 7.47 15.96 5.96
N GLN B 469 6.74 15.19 5.16
CA GLN B 469 5.29 15.32 5.06
C GLN B 469 4.63 14.89 6.39
N ASP B 470 5.12 13.79 6.96
CA ASP B 470 4.67 13.32 8.27
C ASP B 470 5.00 14.33 9.37
N LEU B 471 6.16 14.92 9.30
CA LEU B 471 6.53 15.93 10.26
C LEU B 471 5.65 17.17 10.11
N GLN B 472 5.42 17.61 8.90
CA GLN B 472 4.63 18.84 8.63
C GLN B 472 3.24 18.74 9.26
N LYS B 473 2.67 17.54 9.24
CA LYS B 473 1.35 17.29 9.82
C LYS B 473 1.32 17.62 11.32
N GLU B 474 2.38 17.29 12.04
CA GLU B 474 2.47 17.55 13.48
C GLU B 474 3.40 18.73 13.81
N ARG B 475 3.76 19.52 12.79
CA ARG B 475 4.72 20.64 12.87
C ARG B 475 5.92 20.41 13.81
N LEU B 476 6.63 19.32 13.58
CA LEU B 476 7.81 18.94 14.36
C LEU B 476 9.08 19.12 13.58
N LYS B 477 10.16 19.46 14.28
CA LYS B 477 11.50 19.55 13.72
C LYS B 477 12.45 18.78 14.63
N GLY B 478 13.55 18.26 14.05
CA GLY B 478 14.55 17.46 14.79
C GLY B 478 15.98 17.70 14.34
N ARG B 479 16.93 17.28 15.18
CA ARG B 479 18.36 17.43 14.90
C ARG B 479 19.15 16.23 14.52
N THR B 480 18.54 15.04 14.63
CA THR B 480 19.21 13.78 14.30
C THR B 480 18.46 13.01 13.20
N VAL B 481 19.18 12.69 12.13
CA VAL B 481 18.67 11.95 11.02
C VAL B 481 19.46 10.64 10.98
N THR B 482 18.74 9.51 10.93
CA THR B 482 19.33 8.19 10.87
C THR B 482 18.79 7.43 9.63
N ILE B 483 19.68 6.85 8.85
CA ILE B 483 19.27 6.01 7.73
C ILE B 483 19.46 4.60 8.18
N LYS B 484 18.67 3.71 7.59
CA LYS B 484 18.68 2.30 7.90
C LYS B 484 18.78 1.60 6.56
N LEU B 485 19.73 0.67 6.47
CA LEU B 485 19.98 -0.08 5.26
C LEU B 485 19.95 -1.55 5.61
N LYS B 486 19.13 -2.35 4.90
CA LYS B 486 19.18 -3.81 5.03
C LYS B 486 19.59 -4.43 3.71
N ASN B 487 20.66 -5.22 3.74
CA ASN B 487 21.12 -5.88 2.54
C ASN B 487 20.32 -7.12 2.23
N VAL B 488 20.60 -7.72 1.08
CA VAL B 488 19.87 -8.91 0.63
C VAL B 488 20.14 -10.14 1.48
N ASN B 489 21.17 -10.10 2.32
CA ASN B 489 21.38 -11.14 3.33
C ASN B 489 20.78 -10.77 4.68
N PHE B 490 19.86 -9.80 4.68
CA PHE B 490 19.05 -9.43 5.85
C PHE B 490 19.84 -8.73 6.98
N GLU B 491 21.08 -8.34 6.70
CA GLU B 491 21.90 -7.60 7.67
C GLU B 491 21.54 -6.15 7.67
N VAL B 492 21.35 -5.61 8.87
CA VAL B 492 20.89 -4.26 9.06
C VAL B 492 22.02 -3.37 9.53
N LYS B 493 22.16 -2.20 8.93
CA LYS B 493 23.03 -1.14 9.40
C LYS B 493 22.21 0.09 9.62
N THR B 494 22.57 0.86 10.65
CA THR B 494 22.01 2.20 10.86
C THR B 494 23.14 3.20 10.96
N ARG B 495 22.92 4.38 10.41
CA ARG B 495 23.93 5.43 10.33
C ARG B 495 23.28 6.76 10.61
N ALA B 496 23.77 7.46 11.62
CA ALA B 496 23.13 8.68 12.11
C ALA B 496 24.08 9.85 12.02
N SER B 497 23.51 11.04 12.06
CA SER B 497 24.27 12.26 12.08
C SER B 497 23.39 13.25 12.80
N THR B 498 24.03 14.15 13.55
CA THR B 498 23.31 15.17 14.34
C THR B 498 23.84 16.55 13.94
N VAL B 499 22.93 17.50 13.87
CA VAL B 499 23.17 18.83 13.34
C VAL B 499 22.84 19.83 14.47
N SER B 500 23.35 21.06 14.40
CA SER B 500 23.13 22.06 15.48
C SER B 500 21.68 22.47 15.58
N SER B 501 21.17 23.02 14.47
CA SER B 501 19.84 23.59 14.42
C SER B 501 18.89 22.55 13.84
N VAL B 502 17.67 22.53 14.36
CA VAL B 502 16.64 21.60 13.89
C VAL B 502 16.38 21.68 12.36
N VAL B 503 15.80 20.60 11.83
CA VAL B 503 15.41 20.51 10.42
C VAL B 503 14.09 19.77 10.28
N SER B 504 13.47 19.96 9.12
CA SER B 504 12.15 19.42 8.86
C SER B 504 11.76 19.28 7.40
N THR B 505 12.40 20.00 6.48
CA THR B 505 12.01 19.93 5.06
C THR B 505 12.61 18.69 4.38
N ALA B 506 11.98 18.27 3.28
CA ALA B 506 12.47 17.17 2.47
C ALA B 506 13.91 17.42 2.06
N GLU B 507 14.19 18.66 1.67
CA GLU B 507 15.54 19.07 1.22
C GLU B 507 16.57 18.96 2.36
N GLU B 508 16.23 19.52 3.52
CA GLU B 508 17.13 19.49 4.68
C GLU B 508 17.38 18.06 5.15
N ILE B 509 16.32 17.27 5.24
CA ILE B 509 16.47 15.90 5.71
C ILE B 509 17.33 15.16 4.71
N PHE B 510 17.05 15.35 3.41
CA PHE B 510 17.78 14.68 2.34
C PHE B 510 19.24 15.10 2.26
N ALA B 511 19.56 16.38 2.48
CA ALA B 511 20.97 16.82 2.50
C ALA B 511 21.85 16.01 3.49
N ILE B 512 21.27 15.62 4.62
CA ILE B 512 21.99 14.85 5.66
C ILE B 512 22.00 13.37 5.29
N ALA B 513 20.80 12.86 4.98
CA ALA B 513 20.63 11.45 4.63
C ALA B 513 21.51 11.06 3.47
N LYS B 514 21.58 11.90 2.43
CA LYS B 514 22.36 11.51 1.24
C LYS B 514 23.85 11.34 1.55
N GLU B 515 24.43 12.16 2.45
CA GLU B 515 25.85 12.01 2.84
C GLU B 515 26.08 10.74 3.64
N LEU B 516 25.13 10.40 4.51
CA LEU B 516 25.20 9.11 5.22
C LEU B 516 25.20 7.94 4.22
N LEU B 517 24.31 8.00 3.21
CA LEU B 517 24.24 6.94 2.21
C LEU B 517 25.51 6.92 1.38
N LYS B 518 25.96 8.09 0.97
CA LYS B 518 27.20 8.22 0.22
C LYS B 518 28.38 7.56 0.91
N THR B 519 28.49 7.78 2.22
CA THR B 519 29.57 7.13 2.99
C THR B 519 29.51 5.63 2.88
N GLU B 520 28.30 5.04 2.99
CA GLU B 520 28.17 3.57 2.87
C GLU B 520 28.50 3.06 1.47
N ILE B 521 28.07 3.80 0.44
CA ILE B 521 28.37 3.41 -0.93
C ILE B 521 29.91 3.47 -1.19
N ASP B 522 30.56 4.56 -0.73
CA ASP B 522 32.04 4.70 -0.87
C ASP B 522 32.85 3.62 -0.10
N ALA B 523 32.38 3.25 1.09
CA ALA B 523 33.07 2.23 1.89
C ALA B 523 33.08 0.83 1.27
N ASP B 524 32.12 0.52 0.38
CA ASP B 524 32.10 -0.79 -0.32
C ASP B 524 32.65 -0.76 -1.74
N PHE B 525 32.86 0.44 -2.28
CA PHE B 525 33.36 0.61 -3.65
C PHE B 525 34.56 -0.30 -3.93
N PRO B 526 34.66 -0.94 -5.09
CA PRO B 526 33.75 -0.84 -6.22
C PRO B 526 32.48 -1.74 -6.17
N HIS B 527 32.23 -2.47 -5.07
CA HIS B 527 31.04 -3.34 -4.99
C HIS B 527 29.80 -2.50 -4.66
N PRO B 528 28.70 -2.66 -5.45
CA PRO B 528 27.52 -1.90 -5.05
C PRO B 528 26.91 -2.43 -3.75
N LEU B 529 26.09 -1.61 -3.14
CA LEU B 529 25.32 -1.96 -2.00
C LEU B 529 24.12 -2.71 -2.59
N ARG B 530 23.82 -3.87 -2.04
CA ARG B 530 22.70 -4.66 -2.47
C ARG B 530 21.63 -4.57 -1.38
N LEU B 531 20.64 -3.71 -1.59
CA LEU B 531 19.59 -3.48 -0.62
C LEU B 531 18.24 -4.11 -0.85
N ARG B 532 17.59 -4.49 0.23
CA ARG B 532 16.24 -5.00 0.23
C ARG B 532 15.37 -4.04 1.03
N LEU B 533 15.99 -3.14 1.80
CA LEU B 533 15.23 -2.16 2.54
C LEU B 533 16.05 -0.92 2.77
N MET B 534 15.35 0.21 2.80
CA MET B 534 15.92 1.47 3.24
C MET B 534 14.89 2.17 4.11
N GLY B 535 15.37 2.93 5.09
CA GLY B 535 14.52 3.75 5.88
C GLY B 535 15.21 5.00 6.31
N VAL B 536 14.41 5.98 6.71
CA VAL B 536 14.94 7.21 7.25
C VAL B 536 14.15 7.52 8.49
N ARG B 537 14.86 8.03 9.51
CA ARG B 537 14.29 8.36 10.81
C ARG B 537 14.78 9.73 11.28
N ILE B 538 13.88 10.49 11.88
CA ILE B 538 14.29 11.76 12.47
C ILE B 538 14.03 11.68 13.97
N SER B 539 14.95 12.24 14.74
CA SER B 539 14.86 12.20 16.21
C SER B 539 15.50 13.46 16.80
N SER B 540 15.65 13.49 18.14
CA SER B 540 16.17 14.68 18.86
C SER B 540 15.30 15.91 18.60
N PHE B 541 14.02 15.77 18.95
CA PHE B 541 13.07 16.88 18.91
C PHE B 541 13.32 17.72 20.17
N PRO B 542 13.08 19.04 20.10
CA PRO B 542 13.39 19.92 21.27
C PRO B 542 12.59 19.69 22.58
N ASN B 543 11.72 18.68 22.63
CA ASN B 543 11.15 18.13 23.89
C ASN B 543 10.11 19.03 24.57
MG MG G . 5.30 0.70 -21.62
MG MG H . 3.17 3.77 -21.70
C1 PEG I . 9.80 -10.97 -21.49
O1 PEG I . 8.77 -11.88 -21.09
C2 PEG I . 9.23 -9.57 -21.60
O2 PEG I . 9.63 -8.79 -20.47
C3 PEG I . 9.65 -7.40 -20.76
C4 PEG I . 10.97 -7.02 -21.41
O4 PEG I . 10.84 -7.06 -22.83
C1 PEG J . -8.50 17.29 -32.18
O1 PEG J . -9.58 17.97 -32.83
C2 PEG J . -7.64 16.58 -33.22
O2 PEG J . -6.42 16.18 -32.63
C3 PEG J . -5.57 17.28 -32.33
C4 PEG J . -5.07 17.90 -33.64
O4 PEG J . -3.93 18.72 -33.37
C1 PEG K . -30.30 2.88 -42.99
O1 PEG K . -29.54 2.42 -41.87
C2 PEG K . -30.40 4.41 -42.97
O2 PEG K . -29.62 5.00 -44.03
C3 PEG K . -29.58 6.43 -44.04
C4 PEG K . -28.15 6.93 -43.85
O4 PEG K . -27.61 7.52 -45.04
C1 PEG L . -25.98 0.36 -41.45
O1 PEG L . -26.88 1.34 -40.89
C2 PEG L . -24.53 0.85 -41.45
O2 PEG L . -24.37 2.17 -42.00
C3 PEG L . -24.09 2.29 -43.40
C4 PEG L . -23.41 3.63 -43.73
O4 PEG L . -24.26 4.54 -44.46
I IOD M . 6.34 -19.22 -20.88
I IOD N . -4.30 -19.28 -27.21
I IOD O . -18.99 -2.21 -24.30
C1 EDO P . -21.17 9.09 13.76
O1 EDO P . -20.10 10.01 13.39
C2 EDO P . -22.40 9.22 12.88
O2 EDO P . -23.14 8.02 12.70
C1 EDO Q . 9.17 3.87 -51.28
O1 EDO Q . 10.31 3.63 -50.47
C2 EDO Q . 7.92 3.78 -50.41
O2 EDO Q . 6.79 3.46 -51.23
C1 EDO R . 13.73 -2.31 -35.15
O1 EDO R . 12.65 -2.84 -34.45
C2 EDO R . 14.61 -1.43 -34.30
O2 EDO R . 15.67 -2.09 -33.65
C1 EDO S . -3.97 29.68 -3.31
O1 EDO S . -4.25 28.89 -4.47
C2 EDO S . -5.26 30.27 -2.74
O2 EDO S . -5.97 31.04 -3.72
C1 EDO T . 3.23 -2.54 -42.13
O1 EDO T . 4.37 -3.30 -41.70
C2 EDO T . 3.61 -1.06 -42.13
O2 EDO T . 2.53 -0.25 -41.65
C1 EDO U . 0.94 -0.38 -37.06
O1 EDO U . 0.26 -0.66 -35.83
C2 EDO U . 0.08 -0.56 -38.31
O2 EDO U . 0.58 0.14 -39.47
C1 EDO V . -12.10 17.24 11.48
O1 EDO V . -13.49 17.29 11.21
C2 EDO V . -11.41 16.45 10.41
O2 EDO V . -10.31 17.17 9.86
C1 EDO W . -7.85 -5.15 -38.58
O1 EDO W . -8.35 -5.08 -37.23
C2 EDO W . -8.97 -4.54 -39.39
O2 EDO W . -8.56 -3.68 -40.42
C1 EDO X . -10.54 1.65 -20.12
O1 EDO X . -11.75 1.24 -19.46
C2 EDO X . -10.83 2.73 -21.16
O2 EDO X . -12.18 2.86 -21.62
N1 DZ4 Y . -3.49 0.01 -13.86
C2 DZ4 Y . -2.41 0.31 -13.14
N3 DZ4 Y . -1.17 0.52 -13.59
C4 DZ4 Y . -1.07 0.37 -14.92
C5 DZ4 Y . -2.11 0.03 -15.77
C6 DZ4 Y . -3.38 -0.17 -15.19
N6 DZ4 Y . -4.47 -0.52 -15.89
N7 DZ4 Y . -1.64 -0.02 -17.07
C8 DZ4 Y . -0.35 0.23 -16.95
N9 DZ4 Y . 0.02 0.54 -15.71
PA DZ4 Y . 2.23 0.69 -20.36
PB DZ4 Y . 3.95 -1.72 -20.05
PG DZ4 Y . 4.28 -2.23 -22.89
C1' DZ4 Y . 1.41 0.78 -15.22
O1A DZ4 Y . 0.95 0.91 -21.03
O1B DZ4 Y . 5.09 -0.81 -19.99
O1G DZ4 Y . 3.03 -2.70 -23.57
C2' DZ4 Y . 2.23 -0.50 -15.25
O2A DZ4 Y . 3.39 1.35 -21.16
O2B DZ4 Y . 3.91 -2.63 -18.74
O2G DZ4 Y . 4.44 -0.73 -22.96
C3' DZ4 Y . 2.96 -0.44 -16.59
O3' DZ4 Y . 4.18 -1.18 -16.58
N3A DZ4 Y . 2.54 -0.90 -20.18
O3B DZ4 Y . 4.09 -2.65 -21.35
O3G DZ4 Y . 5.52 -2.94 -23.36
C4' DZ4 Y . 3.19 1.05 -16.71
O4' DZ4 Y . 2.04 1.68 -16.11
C5' DZ4 Y . 3.37 1.53 -18.14
O5' DZ4 Y . 2.17 1.33 -18.89
C1 PGE Z . 12.48 -9.01 -30.36
O1 PGE Z . 13.18 -8.05 -29.57
C2 PGE Z . 11.17 -9.36 -29.66
O2 PGE Z . 10.48 -10.44 -30.33
C3 PGE Z . 9.10 -10.24 -30.64
C4 PGE Z . 8.99 -9.66 -32.04
O4 PGE Z . 8.87 -6.52 -34.23
C6 PGE Z . 7.81 -6.95 -33.39
C5 PGE Z . 7.60 -8.44 -33.52
O3 PGE Z . 7.71 -9.06 -32.25
CL CL AA . -24.63 -15.66 -14.51
CL CL BA . -24.14 4.42 -2.60
CL CL CA . 9.44 0.64 -3.12
CL CL DA . 0.06 -14.21 -5.23
CL CL EA . -10.61 -9.96 -17.18
K K FA . -26.04 -2.28 -2.75
MG MG GA . -5.79 -8.40 20.01
MG MG HA . -3.16 -6.04 21.40
C1 PEG IA . -12.36 -17.82 14.79
O1 PEG IA . -11.76 -18.50 13.72
C2 PEG IA . -12.47 -16.36 14.43
O2 PEG IA . -11.70 -15.51 15.23
C3 PEG IA . -12.27 -14.28 15.32
C4 PEG IA . -13.27 -14.27 16.47
O4 PEG IA . -12.66 -13.70 17.60
I IOD JA . 16.88 -16.85 20.01
I IOD KA . -10.58 -7.86 47.58
I IOD LA . -10.88 -24.78 9.94
C1 EDO MA . 24.32 9.59 -8.84
O1 EDO MA . 24.98 8.37 -8.48
C2 EDO MA . 23.11 9.86 -7.99
O2 EDO MA . 22.30 11.00 -8.33
N1 DZ4 NA . 2.91 -7.10 12.26
C2 DZ4 NA . 1.95 -6.27 11.83
N3 DZ4 NA . 0.74 -6.06 12.36
C4 DZ4 NA . 0.53 -6.84 13.46
C5 DZ4 NA . 1.45 -7.73 13.98
C6 DZ4 NA . 2.70 -7.85 13.35
N6 DZ4 NA . 3.69 -8.68 13.77
N7 DZ4 NA . 0.88 -8.34 15.09
C8 DZ4 NA . -0.32 -7.81 15.18
N9 DZ4 NA . -0.59 -6.88 14.26
PA DZ4 NA . -2.81 -8.44 18.65
PB DZ4 NA . -4.94 -10.05 17.42
PG DZ4 NA . -5.56 -11.77 19.65
C1' DZ4 NA . -1.88 -6.18 14.03
O1A DZ4 NA . -1.52 -8.74 19.25
O1B DZ4 NA . -5.86 -9.02 17.87
O1G DZ4 NA . -4.50 -12.80 20.04
C2' DZ4 NA . -2.96 -7.13 13.54
O2A DZ4 NA . -3.84 -8.00 19.74
O2B DZ4 NA . -5.03 -10.19 15.82
O2G DZ4 NA . -5.42 -10.47 20.42
C3' DZ4 NA . -3.66 -7.57 14.81
O3' DZ4 NA . -5.00 -8.01 14.60
N3A DZ4 NA . -3.40 -9.73 17.85
O3B DZ4 NA . -5.33 -11.46 18.10
O3G DZ4 NA . -6.94 -12.38 19.75
C4' DZ4 NA . -3.62 -6.26 15.59
O4' DZ4 NA . -2.37 -5.66 15.27
C5' DZ4 NA . -3.76 -6.51 17.09
O5' DZ4 NA . -2.65 -7.27 17.56
CL CL OA . 7.62 -18.51 10.21
CL CL PA . -10.76 7.37 12.39
CL CL QA . -2.98 -14.51 -1.83
CL CL RA . -4.02 4.06 18.66
K K SA . 24.50 -2.21 3.31
K K TA . 25.05 -8.42 0.33
K K UA . -14.77 -9.98 -7.81
#